data_1DL5
#
_entry.id   1DL5
#
_cell.length_a   51.060
_cell.length_b   98.910
_cell.length_c   76.860
_cell.angle_alpha   90.0
_cell.angle_beta   105.66
_cell.angle_gamma   90.0
#
_symmetry.space_group_name_H-M   'P 1 21 1'
#
loop_
_entity.id
_entity.type
_entity.pdbx_description
1 polymer 'PROTEIN-L-ISOASPARTATE O-METHYLTRANSFERASE'
2 non-polymer 'CADMIUM ION'
3 non-polymer 'CHLORIDE ION'
4 non-polymer S-ADENOSYL-L-HOMOCYSTEINE
5 water water
#
_entity_poly.entity_id   1
_entity_poly.type   'polypeptide(L)'
_entity_poly.pdbx_seq_one_letter_code
;MREKLFWILKKYGVSDHIAKAFLEIPREEFLTKSYPLSYVYEDIVLVSYDDGEEYSTSSQPSLMALFMEWVGLDKGMRVL
EIGGGTGYNAAVMSRVVGEKGLVVSVEYSRKICEIAKRNVERLGIENVIFVCGDGYYGVPEFSPYDVIFVTVGVDEVPET
WFTQLKEGGRVIVPINLKLSRRQPAFLFKKKDPYLVGNYKLETRFITAGGNLGNLLERNRKLLREFPFNREILLVRSHIF
VELVDLLTRRLTEIDGTFYYAGPNGVVEFLDDRMRIYGDAPEIENLLTQWESCGYRSFEYLMLHVGYNAFSHISCSI
;
_entity_poly.pdbx_strand_id   A,B
#
loop_
_chem_comp.id
_chem_comp.type
_chem_comp.name
_chem_comp.formula
CD non-polymer 'CADMIUM ION' 'Cd 2'
CL non-polymer 'CHLORIDE ION' 'Cl -1'
SAH non-polymer S-ADENOSYL-L-HOMOCYSTEINE 'C14 H20 N6 O5 S'
#
# COMPACT_ATOMS: atom_id res chain seq x y z
N MET A 1 -21.04 -47.67 -23.69
CA MET A 1 -19.60 -48.04 -23.85
C MET A 1 -18.76 -46.79 -24.02
N ARG A 2 -17.46 -46.91 -23.74
CA ARG A 2 -16.55 -45.78 -23.87
C ARG A 2 -16.50 -45.22 -25.27
N GLU A 3 -16.69 -46.10 -26.25
CA GLU A 3 -16.65 -45.70 -27.65
C GLU A 3 -17.65 -44.59 -27.94
N LYS A 4 -18.88 -44.73 -27.45
CA LYS A 4 -19.89 -43.72 -27.70
C LYS A 4 -19.48 -42.38 -27.09
N LEU A 5 -18.90 -42.42 -25.90
CA LEU A 5 -18.46 -41.18 -25.25
C LEU A 5 -17.34 -40.55 -26.09
N PHE A 6 -16.37 -41.37 -26.48
CA PHE A 6 -15.27 -40.88 -27.30
C PHE A 6 -15.81 -40.18 -28.54
N TRP A 7 -16.74 -40.84 -29.22
CA TRP A 7 -17.34 -40.27 -30.42
C TRP A 7 -18.03 -38.95 -30.13
N ILE A 8 -18.81 -38.90 -29.05
CA ILE A 8 -19.53 -37.69 -28.71
C ILE A 8 -18.59 -36.53 -28.44
N LEU A 9 -17.44 -36.81 -27.81
CA LEU A 9 -16.47 -35.76 -27.52
C LEU A 9 -15.87 -35.25 -28.83
N LYS A 10 -15.61 -36.16 -29.77
CA LYS A 10 -15.06 -35.74 -31.06
C LYS A 10 -16.06 -34.82 -31.74
N LYS A 11 -17.34 -35.13 -31.59
CA LYS A 11 -18.41 -34.31 -32.19
C LYS A 11 -18.39 -32.92 -31.56
N TYR A 12 -17.84 -32.84 -30.35
CA TYR A 12 -17.75 -31.58 -29.62
C TYR A 12 -16.53 -30.79 -30.07
N GLY A 13 -15.72 -31.38 -30.94
CA GLY A 13 -14.53 -30.72 -31.41
C GLY A 13 -13.31 -31.01 -30.56
N VAL A 14 -13.44 -31.93 -29.61
CA VAL A 14 -12.32 -32.28 -28.74
C VAL A 14 -11.24 -32.97 -29.59
N SER A 15 -10.00 -32.54 -29.41
CA SER A 15 -8.88 -33.09 -30.17
C SER A 15 -8.65 -34.57 -29.89
N ASP A 16 -7.97 -35.25 -30.80
CA ASP A 16 -7.70 -36.67 -30.63
C ASP A 16 -6.96 -37.03 -29.34
N HIS A 17 -5.90 -36.30 -29.01
CA HIS A 17 -5.13 -36.64 -27.82
C HIS A 17 -5.88 -36.51 -26.50
N ILE A 18 -6.87 -35.62 -26.45
CA ILE A 18 -7.65 -35.48 -25.23
C ILE A 18 -8.81 -36.48 -25.24
N ALA A 19 -9.45 -36.63 -26.40
CA ALA A 19 -10.56 -37.57 -26.51
C ALA A 19 -10.09 -39.00 -26.25
N LYS A 20 -8.89 -39.32 -26.73
CA LYS A 20 -8.32 -40.65 -26.54
C LYS A 20 -8.16 -40.98 -25.06
N ALA A 21 -7.90 -39.96 -24.25
CA ALA A 21 -7.74 -40.14 -22.81
C ALA A 21 -9.03 -40.68 -22.20
N PHE A 22 -10.17 -40.15 -22.67
CA PHE A 22 -11.46 -40.60 -22.17
C PHE A 22 -11.79 -42.01 -22.63
N LEU A 23 -11.18 -42.40 -23.75
CA LEU A 23 -11.41 -43.74 -24.28
C LEU A 23 -10.64 -44.79 -23.48
N GLU A 24 -9.56 -44.37 -22.83
CA GLU A 24 -8.70 -45.29 -22.08
C GLU A 24 -9.04 -45.52 -20.60
N ILE A 25 -9.89 -44.68 -20.03
CA ILE A 25 -10.24 -44.82 -18.61
C ILE A 25 -11.67 -45.32 -18.38
N PRO A 26 -11.82 -46.43 -17.65
CA PRO A 26 -13.16 -46.95 -17.38
C PRO A 26 -13.84 -46.13 -16.28
N ARG A 27 -14.75 -45.24 -16.68
CA ARG A 27 -15.44 -44.36 -15.74
C ARG A 27 -16.17 -45.10 -14.63
N GLU A 28 -16.71 -46.27 -14.94
CA GLU A 28 -17.46 -47.03 -13.94
C GLU A 28 -16.63 -47.41 -12.72
N GLU A 29 -15.33 -47.51 -12.87
CA GLU A 29 -14.45 -47.87 -11.77
C GLU A 29 -14.35 -46.77 -10.71
N PHE A 30 -14.86 -45.59 -11.02
CA PHE A 30 -14.80 -44.47 -10.08
C PHE A 30 -16.12 -44.17 -9.40
N LEU A 31 -17.13 -44.99 -9.70
CA LEU A 31 -18.45 -44.80 -9.11
C LEU A 31 -18.70 -45.85 -8.03
N THR A 32 -18.98 -45.40 -6.82
CA THR A 32 -19.22 -46.30 -5.70
C THR A 32 -20.64 -46.87 -5.78
N LYS A 33 -21.44 -46.28 -6.67
CA LYS A 33 -22.81 -46.71 -6.88
C LYS A 33 -22.89 -47.32 -8.28
N SER A 34 -23.62 -48.41 -8.41
CA SER A 34 -23.74 -49.09 -9.69
C SER A 34 -24.76 -48.41 -10.62
N TYR A 35 -24.34 -48.15 -11.85
CA TYR A 35 -25.20 -47.55 -12.87
C TYR A 35 -25.12 -48.42 -14.11
N PRO A 36 -26.17 -48.41 -14.95
CA PRO A 36 -26.07 -49.23 -16.16
C PRO A 36 -25.00 -48.55 -16.99
N LEU A 37 -24.13 -49.33 -17.63
CA LEU A 37 -23.05 -48.75 -18.44
C LEU A 37 -23.54 -47.73 -19.45
N SER A 38 -24.73 -47.96 -20.01
CA SER A 38 -25.29 -47.04 -20.99
C SER A 38 -25.48 -45.66 -20.36
N TYR A 39 -25.62 -45.64 -19.04
CA TYR A 39 -25.81 -44.39 -18.31
C TYR A 39 -24.43 -43.82 -17.96
N VAL A 40 -23.48 -44.70 -17.66
CA VAL A 40 -22.13 -44.29 -17.30
C VAL A 40 -21.43 -43.48 -18.39
N TYR A 41 -21.64 -43.84 -19.65
CA TYR A 41 -20.97 -43.14 -20.71
C TYR A 41 -21.77 -42.05 -21.42
N GLU A 42 -22.84 -41.60 -20.77
CA GLU A 42 -23.64 -40.50 -21.28
C GLU A 42 -22.86 -39.26 -20.86
N ASP A 43 -22.98 -38.18 -21.62
CA ASP A 43 -22.25 -36.96 -21.28
C ASP A 43 -22.99 -36.22 -20.18
N ILE A 44 -23.02 -36.83 -19.00
CA ILE A 44 -23.72 -36.26 -17.86
C ILE A 44 -22.95 -36.38 -16.57
N VAL A 45 -23.39 -35.63 -15.56
CA VAL A 45 -22.80 -35.65 -14.24
C VAL A 45 -23.35 -36.91 -13.55
N LEU A 46 -22.52 -37.59 -12.77
CA LEU A 46 -22.95 -38.80 -12.07
C LEU A 46 -22.54 -38.74 -10.61
N VAL A 47 -23.42 -39.18 -9.72
CA VAL A 47 -23.09 -39.19 -8.30
C VAL A 47 -22.11 -40.34 -8.17
N SER A 48 -20.91 -40.05 -7.67
CA SER A 48 -19.88 -41.08 -7.52
C SER A 48 -19.77 -41.59 -6.10
N TYR A 49 -20.32 -40.84 -5.16
CA TYR A 49 -20.28 -41.23 -3.75
C TYR A 49 -21.37 -40.52 -2.98
N ASP A 50 -22.06 -41.25 -2.10
CA ASP A 50 -23.11 -40.67 -1.28
C ASP A 50 -23.44 -41.63 -0.14
N ASP A 51 -23.08 -41.25 1.07
CA ASP A 51 -23.34 -42.09 2.24
C ASP A 51 -24.34 -41.43 3.19
N GLY A 52 -25.01 -40.38 2.72
CA GLY A 52 -25.97 -39.68 3.55
C GLY A 52 -25.34 -38.47 4.23
N GLU A 53 -24.03 -38.56 4.48
CA GLU A 53 -23.31 -37.47 5.12
C GLU A 53 -22.46 -36.72 4.10
N GLU A 54 -21.65 -37.46 3.35
CA GLU A 54 -20.79 -36.85 2.33
C GLU A 54 -21.25 -37.22 0.93
N TYR A 55 -20.95 -36.34 -0.01
CA TYR A 55 -21.39 -36.51 -1.38
C TYR A 55 -20.32 -36.05 -2.38
N SER A 56 -20.24 -36.74 -3.52
CA SER A 56 -19.29 -36.36 -4.55
C SER A 56 -19.85 -36.75 -5.92
N THR A 57 -19.45 -36.02 -6.94
CA THR A 57 -19.93 -36.30 -8.29
C THR A 57 -18.83 -36.32 -9.33
N SER A 58 -19.03 -37.12 -10.38
CA SER A 58 -18.08 -37.16 -11.49
C SER A 58 -18.66 -36.14 -12.46
N SER A 59 -17.86 -35.16 -12.85
CA SER A 59 -18.29 -34.08 -13.73
C SER A 59 -18.62 -34.49 -15.17
N GLN A 60 -19.38 -33.63 -15.85
CA GLN A 60 -19.78 -33.88 -17.23
C GLN A 60 -18.51 -34.00 -18.09
N PRO A 61 -18.32 -35.14 -18.75
CA PRO A 61 -17.14 -35.36 -19.60
C PRO A 61 -16.79 -34.25 -20.59
N SER A 62 -17.79 -33.74 -21.32
CA SER A 62 -17.50 -32.71 -22.31
C SER A 62 -17.00 -31.41 -21.68
N LEU A 63 -17.48 -31.08 -20.49
CA LEU A 63 -17.02 -29.86 -19.83
C LEU A 63 -15.56 -30.02 -19.42
N MET A 64 -15.21 -31.21 -18.94
CA MET A 64 -13.84 -31.46 -18.54
C MET A 64 -12.93 -31.45 -19.76
N ALA A 65 -13.41 -32.01 -20.88
CA ALA A 65 -12.61 -32.02 -22.10
C ALA A 65 -12.38 -30.59 -22.58
N LEU A 66 -13.41 -29.76 -22.46
CA LEU A 66 -13.33 -28.35 -22.87
C LEU A 66 -12.31 -27.62 -22.00
N PHE A 67 -12.39 -27.88 -20.70
CA PHE A 67 -11.47 -27.27 -19.75
C PHE A 67 -10.05 -27.64 -20.14
N MET A 68 -9.84 -28.92 -20.46
CA MET A 68 -8.51 -29.39 -20.83
C MET A 68 -8.02 -28.73 -22.12
N GLU A 69 -8.93 -28.58 -23.09
CA GLU A 69 -8.60 -27.94 -24.36
C GLU A 69 -8.22 -26.48 -24.12
N TRP A 70 -9.01 -25.80 -23.28
CA TRP A 70 -8.79 -24.38 -22.99
C TRP A 70 -7.47 -24.06 -22.31
N VAL A 71 -6.98 -24.95 -21.47
CA VAL A 71 -5.71 -24.70 -20.79
C VAL A 71 -4.56 -25.29 -21.61
N GLY A 72 -4.91 -25.91 -22.73
CA GLY A 72 -3.89 -26.50 -23.59
C GLY A 72 -3.16 -27.69 -22.97
N LEU A 73 -3.87 -28.46 -22.16
CA LEU A 73 -3.28 -29.61 -21.50
C LEU A 73 -2.68 -30.55 -22.55
N ASP A 74 -1.43 -30.93 -22.36
CA ASP A 74 -0.76 -31.81 -23.31
C ASP A 74 0.35 -32.62 -22.63
N LYS A 75 1.01 -33.46 -23.40
CA LYS A 75 2.07 -34.32 -22.90
C LYS A 75 3.18 -33.65 -22.09
N GLY A 76 3.56 -34.28 -20.99
CA GLY A 76 4.63 -33.80 -20.14
C GLY A 76 4.32 -32.72 -19.14
N MET A 77 3.07 -32.28 -19.07
CA MET A 77 2.70 -31.23 -18.14
C MET A 77 2.42 -31.73 -16.73
N ARG A 78 2.54 -30.82 -15.77
CA ARG A 78 2.29 -31.12 -14.37
C ARG A 78 1.04 -30.34 -13.99
N VAL A 79 0.03 -31.04 -13.49
CA VAL A 79 -1.24 -30.41 -13.13
C VAL A 79 -1.60 -30.56 -11.66
N LEU A 80 -2.14 -29.48 -11.10
CA LEU A 80 -2.62 -29.50 -9.73
C LEU A 80 -4.13 -29.40 -9.85
N GLU A 81 -4.84 -30.50 -9.52
CA GLU A 81 -6.29 -30.48 -9.59
C GLU A 81 -6.85 -30.22 -8.20
N ILE A 82 -7.84 -29.34 -8.11
CA ILE A 82 -8.46 -28.99 -6.83
C ILE A 82 -9.88 -29.57 -6.81
N GLY A 83 -10.12 -30.50 -5.88
CA GLY A 83 -11.43 -31.14 -5.76
C GLY A 83 -11.44 -32.45 -6.53
N GLY A 84 -10.53 -33.35 -6.17
CA GLY A 84 -10.36 -34.63 -6.83
C GLY A 84 -11.46 -35.66 -6.84
N GLY A 85 -12.35 -35.63 -5.85
CA GLY A 85 -13.45 -36.59 -5.82
C GLY A 85 -12.93 -38.01 -5.78
N THR A 86 -13.60 -38.93 -6.45
CA THR A 86 -13.14 -40.33 -6.46
C THR A 86 -12.05 -40.57 -7.49
N GLY A 87 -11.66 -39.52 -8.22
CA GLY A 87 -10.55 -39.63 -9.15
C GLY A 87 -10.68 -39.76 -10.65
N TYR A 88 -11.90 -39.84 -11.18
CA TYR A 88 -12.06 -40.00 -12.63
C TYR A 88 -11.36 -38.94 -13.46
N ASN A 89 -11.60 -37.67 -13.18
CA ASN A 89 -10.97 -36.63 -13.98
C ASN A 89 -9.45 -36.63 -13.86
N ALA A 90 -8.95 -36.90 -12.66
CA ALA A 90 -7.51 -36.95 -12.45
C ALA A 90 -6.93 -38.07 -13.31
N ALA A 91 -7.63 -39.19 -13.37
CA ALA A 91 -7.19 -40.34 -14.16
C ALA A 91 -7.16 -40.00 -15.65
N VAL A 92 -8.19 -39.32 -16.13
CA VAL A 92 -8.24 -38.95 -17.54
C VAL A 92 -7.10 -37.98 -17.86
N MET A 93 -6.89 -36.97 -17.02
CA MET A 93 -5.82 -36.01 -17.25
C MET A 93 -4.45 -36.68 -17.19
N SER A 94 -4.33 -37.75 -16.41
CA SER A 94 -3.05 -38.44 -16.29
C SER A 94 -2.65 -39.04 -17.64
N ARG A 95 -3.65 -39.43 -18.45
CA ARG A 95 -3.37 -40.00 -19.75
C ARG A 95 -3.02 -38.89 -20.74
N VAL A 96 -3.61 -37.72 -20.53
CA VAL A 96 -3.35 -36.58 -21.39
C VAL A 96 -1.90 -36.11 -21.23
N VAL A 97 -1.43 -36.00 -20.00
CA VAL A 97 -0.05 -35.55 -19.78
C VAL A 97 0.96 -36.67 -19.98
N GLY A 98 0.48 -37.91 -20.08
CA GLY A 98 1.37 -39.03 -20.31
C GLY A 98 2.27 -39.46 -19.17
N GLU A 99 3.09 -40.46 -19.43
CA GLU A 99 3.99 -41.01 -18.42
C GLU A 99 5.02 -40.03 -17.86
N LYS A 100 5.40 -39.03 -18.65
CA LYS A 100 6.38 -38.05 -18.18
C LYS A 100 5.70 -36.88 -17.48
N GLY A 101 4.37 -36.86 -17.52
CA GLY A 101 3.63 -35.80 -16.88
C GLY A 101 3.18 -36.24 -15.50
N LEU A 102 2.53 -35.35 -14.76
CA LEU A 102 2.07 -35.70 -13.42
C LEU A 102 0.81 -34.96 -13.03
N VAL A 103 -0.09 -35.66 -12.34
CA VAL A 103 -1.32 -35.06 -11.85
C VAL A 103 -1.35 -35.16 -10.34
N VAL A 104 -1.46 -34.02 -9.66
CA VAL A 104 -1.54 -33.99 -8.20
C VAL A 104 -2.95 -33.50 -7.95
N SER A 105 -3.74 -34.29 -7.23
CA SER A 105 -5.14 -33.92 -6.97
C SER A 105 -5.46 -33.85 -5.48
N VAL A 106 -6.13 -32.79 -5.06
CA VAL A 106 -6.49 -32.61 -3.66
C VAL A 106 -7.98 -32.83 -3.40
N GLU A 107 -8.29 -33.67 -2.42
CA GLU A 107 -9.68 -33.95 -2.05
C GLU A 107 -9.81 -33.74 -0.54
N TYR A 108 -10.74 -32.88 -0.16
CA TYR A 108 -10.99 -32.50 1.23
C TYR A 108 -11.59 -33.60 2.10
N SER A 109 -12.47 -34.40 1.55
CA SER A 109 -13.09 -35.49 2.30
C SER A 109 -12.11 -36.64 2.46
N ARG A 110 -11.87 -37.06 3.69
CA ARG A 110 -10.95 -38.16 3.96
C ARG A 110 -11.44 -39.46 3.32
N LYS A 111 -12.72 -39.76 3.49
CA LYS A 111 -13.29 -41.00 2.94
C LYS A 111 -13.22 -41.03 1.41
N ILE A 112 -13.61 -39.93 0.79
CA ILE A 112 -13.61 -39.84 -0.67
C ILE A 112 -12.19 -39.86 -1.22
N CYS A 113 -11.28 -39.17 -0.53
CA CYS A 113 -9.88 -39.13 -0.95
C CYS A 113 -9.27 -40.53 -0.91
N GLU A 114 -9.56 -41.27 0.15
CA GLU A 114 -9.03 -42.62 0.28
C GLU A 114 -9.57 -43.54 -0.81
N ILE A 115 -10.82 -43.31 -1.21
CA ILE A 115 -11.42 -44.10 -2.27
C ILE A 115 -10.71 -43.79 -3.59
N ALA A 116 -10.34 -42.52 -3.77
CA ALA A 116 -9.64 -42.11 -4.98
C ALA A 116 -8.26 -42.76 -5.02
N LYS A 117 -7.55 -42.75 -3.89
CA LYS A 117 -6.22 -43.37 -3.85
C LYS A 117 -6.30 -44.85 -4.24
N ARG A 118 -7.36 -45.49 -3.79
CA ARG A 118 -7.58 -46.91 -4.08
C ARG A 118 -7.87 -47.13 -5.56
N ASN A 119 -8.71 -46.28 -6.13
CA ASN A 119 -9.05 -46.38 -7.55
C ASN A 119 -7.81 -46.20 -8.41
N VAL A 120 -6.98 -45.22 -8.05
CA VAL A 120 -5.75 -44.95 -8.77
C VAL A 120 -4.86 -46.18 -8.73
N GLU A 121 -4.75 -46.79 -7.55
CA GLU A 121 -3.92 -47.98 -7.39
C GLU A 121 -4.48 -49.16 -8.18
N ARG A 122 -5.79 -49.38 -8.08
CA ARG A 122 -6.44 -50.50 -8.78
C ARG A 122 -6.24 -50.41 -10.28
N LEU A 123 -6.21 -49.20 -10.82
CA LEU A 123 -6.03 -49.03 -12.26
C LEU A 123 -4.56 -49.02 -12.66
N GLY A 124 -3.67 -49.15 -11.68
CA GLY A 124 -2.25 -49.16 -11.95
C GLY A 124 -1.66 -47.85 -12.45
N ILE A 125 -2.34 -46.75 -12.15
CA ILE A 125 -1.88 -45.42 -12.58
C ILE A 125 -0.74 -44.97 -11.67
N GLU A 126 0.41 -44.68 -12.26
CA GLU A 126 1.59 -44.29 -11.51
C GLU A 126 1.93 -42.80 -11.49
N ASN A 127 1.17 -42.00 -12.23
CA ASN A 127 1.46 -40.57 -12.28
C ASN A 127 0.34 -39.67 -11.76
N VAL A 128 -0.38 -40.18 -10.76
CA VAL A 128 -1.45 -39.43 -10.10
C VAL A 128 -1.25 -39.52 -8.59
N ILE A 129 -0.99 -38.38 -7.97
CA ILE A 129 -0.79 -38.34 -6.52
C ILE A 129 -1.97 -37.63 -5.88
N PHE A 130 -2.69 -38.32 -5.01
CA PHE A 130 -3.82 -37.71 -4.33
C PHE A 130 -3.38 -37.25 -2.96
N VAL A 131 -3.83 -36.07 -2.57
CA VAL A 131 -3.51 -35.48 -1.28
C VAL A 131 -4.83 -35.21 -0.58
N CYS A 132 -4.96 -35.71 0.65
CA CYS A 132 -6.18 -35.51 1.41
C CYS A 132 -6.07 -34.29 2.30
N GLY A 133 -6.77 -33.22 1.93
CA GLY A 133 -6.74 -32.01 2.72
C GLY A 133 -7.46 -30.88 2.02
N ASP A 134 -7.38 -29.68 2.59
CA ASP A 134 -8.03 -28.49 2.04
C ASP A 134 -7.23 -27.98 0.83
N GLY A 135 -7.88 -27.96 -0.33
CA GLY A 135 -7.23 -27.49 -1.54
C GLY A 135 -6.68 -26.08 -1.41
N TYR A 136 -7.20 -25.32 -0.44
CA TYR A 136 -6.74 -23.96 -0.21
C TYR A 136 -5.20 -23.87 -0.16
N TYR A 137 -4.59 -24.85 0.50
CA TYR A 137 -3.14 -24.86 0.67
C TYR A 137 -2.34 -25.31 -0.54
N GLY A 138 -3.01 -25.91 -1.52
CA GLY A 138 -2.30 -26.39 -2.70
C GLY A 138 -1.37 -27.53 -2.28
N VAL A 139 -0.36 -27.80 -3.09
CA VAL A 139 0.60 -28.86 -2.81
C VAL A 139 1.96 -28.36 -3.29
N PRO A 140 2.61 -27.53 -2.46
CA PRO A 140 3.90 -26.97 -2.83
C PRO A 140 5.04 -27.94 -3.11
N GLU A 141 5.04 -29.10 -2.47
CA GLU A 141 6.13 -30.05 -2.66
C GLU A 141 6.33 -30.56 -4.09
N PHE A 142 5.28 -30.48 -4.91
CA PHE A 142 5.37 -30.94 -6.30
C PHE A 142 5.27 -29.82 -7.32
N SER A 143 5.31 -28.58 -6.84
CA SER A 143 5.26 -27.43 -7.76
C SER A 143 6.66 -27.31 -8.37
N PRO A 144 6.80 -26.51 -9.44
CA PRO A 144 5.81 -25.70 -10.16
C PRO A 144 4.87 -26.52 -11.01
N TYR A 145 3.67 -26.01 -11.21
CA TYR A 145 2.67 -26.68 -12.04
C TYR A 145 2.47 -25.89 -13.33
N ASP A 146 2.07 -26.59 -14.39
CA ASP A 146 1.80 -25.93 -15.66
C ASP A 146 0.37 -25.45 -15.65
N VAL A 147 -0.48 -26.19 -14.95
CA VAL A 147 -1.92 -25.87 -14.89
C VAL A 147 -2.52 -26.11 -13.50
N ILE A 148 -3.42 -25.23 -13.09
CA ILE A 148 -4.17 -25.41 -11.85
C ILE A 148 -5.57 -25.65 -12.42
N PHE A 149 -6.08 -26.86 -12.21
CA PHE A 149 -7.37 -27.31 -12.77
C PHE A 149 -8.37 -27.48 -11.62
N VAL A 150 -9.33 -26.57 -11.51
CA VAL A 150 -10.29 -26.59 -10.40
C VAL A 150 -11.66 -27.17 -10.77
N THR A 151 -12.04 -28.23 -10.06
CA THR A 151 -13.29 -28.92 -10.31
C THR A 151 -14.27 -28.85 -9.14
N VAL A 152 -14.27 -27.71 -8.46
CA VAL A 152 -15.16 -27.46 -7.33
C VAL A 152 -15.28 -25.93 -7.28
N GLY A 153 -16.46 -25.41 -6.93
CA GLY A 153 -16.60 -23.97 -6.88
C GLY A 153 -15.80 -23.39 -5.73
N VAL A 154 -14.91 -22.44 -6.02
CA VAL A 154 -14.07 -21.83 -4.97
C VAL A 154 -14.26 -20.32 -4.81
N ASP A 155 -14.12 -19.83 -3.58
CA ASP A 155 -14.31 -18.41 -3.31
C ASP A 155 -13.26 -17.50 -3.94
N GLU A 156 -12.07 -18.05 -4.19
CA GLU A 156 -10.98 -17.27 -4.76
C GLU A 156 -9.89 -18.23 -5.22
N VAL A 157 -8.91 -17.68 -5.93
CA VAL A 157 -7.74 -18.43 -6.34
C VAL A 157 -6.72 -17.92 -5.30
N PRO A 158 -6.41 -18.73 -4.27
CA PRO A 158 -5.45 -18.33 -3.24
C PRO A 158 -4.04 -18.09 -3.77
N GLU A 159 -3.29 -17.27 -3.05
CA GLU A 159 -1.93 -16.97 -3.44
C GLU A 159 -1.08 -18.24 -3.54
N THR A 160 -1.45 -19.25 -2.76
CA THR A 160 -0.71 -20.52 -2.77
C THR A 160 -0.64 -21.10 -4.18
N TRP A 161 -1.79 -21.14 -4.86
CA TRP A 161 -1.84 -21.67 -6.21
C TRP A 161 -1.00 -20.82 -7.15
N PHE A 162 -1.10 -19.50 -6.99
CA PHE A 162 -0.35 -18.57 -7.83
C PHE A 162 1.15 -18.81 -7.69
N THR A 163 1.61 -18.95 -6.45
CA THR A 163 3.02 -19.17 -6.17
C THR A 163 3.48 -20.51 -6.75
N GLN A 164 2.60 -21.51 -6.68
CA GLN A 164 2.92 -22.85 -7.17
C GLN A 164 2.79 -23.01 -8.68
N LEU A 165 2.35 -21.96 -9.36
CA LEU A 165 2.17 -22.00 -10.81
C LEU A 165 3.35 -21.40 -11.58
N LYS A 166 3.77 -22.05 -12.66
CA LYS A 166 4.86 -21.54 -13.48
C LYS A 166 4.45 -20.27 -14.19
N GLU A 167 5.42 -19.44 -14.54
CA GLU A 167 5.13 -18.24 -15.31
C GLU A 167 4.56 -18.80 -16.62
N GLY A 168 3.46 -18.23 -17.09
CA GLY A 168 2.86 -18.70 -18.33
C GLY A 168 1.87 -19.85 -18.12
N GLY A 169 1.80 -20.35 -16.89
CA GLY A 169 0.88 -21.43 -16.58
C GLY A 169 -0.56 -20.96 -16.65
N ARG A 170 -1.50 -21.90 -16.70
CA ARG A 170 -2.92 -21.55 -16.78
C ARG A 170 -3.71 -22.03 -15.57
N VAL A 171 -4.82 -21.35 -15.34
CA VAL A 171 -5.74 -21.71 -14.26
C VAL A 171 -7.13 -21.71 -14.88
N ILE A 172 -7.87 -22.79 -14.70
CA ILE A 172 -9.25 -22.85 -15.18
C ILE A 172 -9.98 -23.02 -13.85
N VAL A 173 -10.86 -22.09 -13.53
CA VAL A 173 -11.51 -22.13 -12.23
C VAL A 173 -12.93 -21.57 -12.12
N PRO A 174 -13.81 -22.31 -11.42
CA PRO A 174 -15.20 -21.84 -11.24
C PRO A 174 -15.17 -21.09 -9.90
N ILE A 175 -15.60 -19.82 -9.92
CA ILE A 175 -15.60 -18.98 -8.72
C ILE A 175 -16.99 -18.85 -8.13
N ASN A 176 -17.07 -18.92 -6.80
CA ASN A 176 -18.35 -18.78 -6.11
C ASN A 176 -18.69 -17.30 -5.97
N LEU A 177 -19.59 -16.82 -6.81
CA LEU A 177 -20.02 -15.44 -6.74
C LEU A 177 -21.33 -15.54 -5.96
N LYS A 178 -21.21 -15.79 -4.67
CA LYS A 178 -22.36 -15.98 -3.80
C LYS A 178 -23.30 -14.78 -3.72
N LEU A 179 -22.74 -13.58 -3.76
CA LEU A 179 -23.56 -12.36 -3.69
C LEU A 179 -24.49 -12.20 -4.89
N SER A 180 -24.28 -13.01 -5.93
CA SER A 180 -25.14 -12.95 -7.11
C SER A 180 -25.72 -14.34 -7.38
N ARG A 181 -25.51 -15.25 -6.44
CA ARG A 181 -26.00 -16.63 -6.57
C ARG A 181 -25.59 -17.23 -7.90
N ARG A 182 -24.32 -17.02 -8.27
CA ARG A 182 -23.79 -17.53 -9.52
C ARG A 182 -22.44 -18.21 -9.34
N GLN A 183 -22.04 -18.98 -10.35
CA GLN A 183 -20.77 -19.66 -10.34
C GLN A 183 -20.07 -19.49 -11.69
N PRO A 184 -19.53 -18.30 -11.97
CA PRO A 184 -18.86 -18.11 -13.25
C PRO A 184 -17.48 -18.80 -13.23
N ALA A 185 -17.09 -19.35 -14.37
CA ALA A 185 -15.80 -20.01 -14.51
C ALA A 185 -14.91 -19.14 -15.38
N PHE A 186 -13.63 -19.04 -15.02
CA PHE A 186 -12.67 -18.21 -15.73
C PHE A 186 -11.42 -18.97 -16.16
N LEU A 187 -10.76 -18.43 -17.18
CA LEU A 187 -9.51 -18.99 -17.67
C LEU A 187 -8.45 -17.89 -17.49
N PHE A 188 -7.40 -18.18 -16.72
CA PHE A 188 -6.33 -17.21 -16.47
C PHE A 188 -4.98 -17.75 -16.94
N LYS A 189 -4.07 -16.83 -17.22
CA LYS A 189 -2.70 -17.17 -17.59
C LYS A 189 -1.82 -16.37 -16.63
N LYS A 190 -0.77 -16.98 -16.10
CA LYS A 190 0.09 -16.27 -15.17
C LYS A 190 1.16 -15.41 -15.82
N LYS A 191 1.19 -14.13 -15.45
CA LYS A 191 2.18 -13.18 -15.94
C LYS A 191 2.51 -12.38 -14.69
N ASP A 192 3.42 -12.93 -13.88
CA ASP A 192 3.81 -12.34 -12.62
C ASP A 192 3.88 -10.82 -12.65
N PRO A 193 3.27 -10.16 -11.65
CA PRO A 193 2.55 -10.68 -10.49
C PRO A 193 1.04 -10.81 -10.69
N TYR A 194 0.60 -11.12 -11.90
CA TYR A 194 -0.82 -11.23 -12.19
C TYR A 194 -1.28 -12.52 -12.83
N LEU A 195 -2.58 -12.76 -12.67
CA LEU A 195 -3.26 -13.87 -13.34
C LEU A 195 -4.13 -13.00 -14.24
N VAL A 196 -3.95 -13.14 -15.55
CA VAL A 196 -4.70 -12.34 -16.50
C VAL A 196 -5.68 -13.25 -17.22
N GLY A 197 -6.96 -12.89 -17.20
CA GLY A 197 -7.91 -13.77 -17.86
C GLY A 197 -9.28 -13.23 -18.15
N ASN A 198 -10.14 -14.16 -18.56
CA ASN A 198 -11.49 -13.82 -18.94
C ASN A 198 -12.51 -14.85 -18.50
N TYR A 199 -13.74 -14.38 -18.36
CA TYR A 199 -14.88 -15.23 -18.00
C TYR A 199 -15.12 -16.15 -19.19
N LYS A 200 -15.54 -17.40 -18.91
CA LYS A 200 -15.81 -18.35 -19.97
C LYS A 200 -17.27 -18.76 -20.04
N LEU A 201 -17.80 -19.25 -18.91
CA LEU A 201 -19.20 -19.68 -18.86
C LEU A 201 -19.64 -19.95 -17.44
N GLU A 202 -20.94 -20.16 -17.26
CA GLU A 202 -21.50 -20.48 -15.93
C GLU A 202 -21.33 -21.99 -15.74
N THR A 203 -21.00 -22.41 -14.53
CA THR A 203 -20.85 -23.85 -14.26
C THR A 203 -21.66 -24.25 -13.04
N ARG A 204 -21.76 -25.55 -12.81
CA ARG A 204 -22.56 -26.07 -11.70
C ARG A 204 -21.81 -27.06 -10.83
N PHE A 205 -20.58 -26.74 -10.46
CA PHE A 205 -19.81 -27.63 -9.61
C PHE A 205 -20.30 -27.52 -8.16
N ILE A 206 -19.96 -28.54 -7.38
CA ILE A 206 -20.30 -28.57 -5.97
C ILE A 206 -19.55 -27.37 -5.37
N THR A 207 -20.15 -26.69 -4.41
CA THR A 207 -19.49 -25.54 -3.78
C THR A 207 -18.49 -26.03 -2.74
N ALA A 208 -17.28 -25.48 -2.77
CA ALA A 208 -16.22 -25.90 -1.85
C ALA A 208 -16.46 -25.63 -0.38
N GLY A 209 -15.87 -26.48 0.45
CA GLY A 209 -15.96 -26.32 1.89
C GLY A 209 -14.58 -25.84 2.33
N GLY A 210 -14.32 -25.85 3.64
CA GLY A 210 -13.03 -25.40 4.13
C GLY A 210 -12.72 -23.95 3.80
N ASN A 211 -11.44 -23.63 3.68
CA ASN A 211 -11.01 -22.26 3.39
C ASN A 211 -11.31 -21.82 1.96
N LEU A 212 -11.87 -22.73 1.15
CA LEU A 212 -12.19 -22.35 -0.22
C LEU A 212 -13.66 -21.93 -0.29
N GLY A 213 -14.33 -21.92 0.86
CA GLY A 213 -15.74 -21.53 0.88
C GLY A 213 -16.12 -20.60 2.01
N ASN A 214 -15.13 -20.04 2.69
CA ASN A 214 -15.37 -19.12 3.81
C ASN A 214 -14.63 -17.80 3.66
N LEU A 215 -14.42 -17.35 2.43
CA LEU A 215 -13.70 -16.10 2.20
C LEU A 215 -14.34 -14.87 2.85
N LEU A 216 -15.65 -14.72 2.70
CA LEU A 216 -16.34 -13.58 3.30
C LEU A 216 -16.04 -13.53 4.81
N GLU A 217 -16.21 -14.68 5.46
CA GLU A 217 -15.96 -14.81 6.89
C GLU A 217 -14.52 -14.52 7.26
N ARG A 218 -13.57 -15.08 6.50
CA ARG A 218 -12.15 -14.86 6.78
C ARG A 218 -11.75 -13.41 6.62
N ASN A 219 -12.27 -12.77 5.59
CA ASN A 219 -11.94 -11.37 5.31
C ASN A 219 -12.47 -10.39 6.35
N ARG A 220 -13.40 -10.83 7.20
CA ARG A 220 -13.91 -9.95 8.25
C ARG A 220 -12.74 -9.62 9.17
N LYS A 221 -11.82 -10.58 9.30
CA LYS A 221 -10.65 -10.43 10.14
C LYS A 221 -9.67 -9.40 9.59
N LEU A 222 -9.81 -9.05 8.31
CA LEU A 222 -8.91 -8.07 7.70
C LEU A 222 -9.39 -6.63 7.91
N LEU A 223 -10.63 -6.48 8.36
CA LEU A 223 -11.18 -5.15 8.60
C LEU A 223 -10.48 -4.42 9.73
N ARG A 224 -10.22 -3.14 9.53
CA ARG A 224 -9.59 -2.31 10.54
C ARG A 224 -10.37 -1.02 10.62
N GLU A 225 -10.23 -0.31 11.74
CA GLU A 225 -10.93 0.96 11.92
C GLU A 225 -10.12 2.12 11.35
N PHE A 226 -10.75 2.89 10.46
CA PHE A 226 -10.11 4.05 9.86
C PHE A 226 -11.11 5.20 9.90
N PRO A 227 -10.61 6.44 9.94
CA PRO A 227 -11.47 7.63 9.97
C PRO A 227 -12.19 7.75 8.63
N PHE A 228 -13.39 8.31 8.65
CA PHE A 228 -14.16 8.51 7.43
C PHE A 228 -13.38 9.46 6.52
N ASN A 229 -13.36 9.15 5.24
CA ASN A 229 -12.63 9.97 4.27
C ASN A 229 -13.61 10.75 3.42
N ARG A 230 -14.35 10.05 2.57
CA ARG A 230 -15.30 10.70 1.69
C ARG A 230 -16.27 9.69 1.11
N GLU A 231 -17.27 10.20 0.41
CA GLU A 231 -18.27 9.36 -0.22
C GLU A 231 -18.13 9.59 -1.73
N ILE A 232 -18.53 8.60 -2.52
CA ILE A 232 -18.44 8.71 -3.97
C ILE A 232 -19.67 8.05 -4.56
N LEU A 233 -20.34 8.75 -5.48
CA LEU A 233 -21.51 8.18 -6.12
C LEU A 233 -21.04 7.00 -6.94
N LEU A 234 -21.80 5.91 -6.88
CA LEU A 234 -21.45 4.70 -7.60
C LEU A 234 -22.62 4.21 -8.44
N VAL A 235 -22.43 4.11 -9.74
CA VAL A 235 -23.51 3.62 -10.60
C VAL A 235 -23.34 2.11 -10.70
N ARG A 236 -24.45 1.39 -10.90
CA ARG A 236 -24.42 -0.06 -11.02
C ARG A 236 -23.52 -0.67 -9.94
N SER A 237 -23.75 -0.27 -8.69
CA SER A 237 -22.95 -0.75 -7.57
C SER A 237 -22.81 -2.26 -7.47
N HIS A 238 -23.90 -3.00 -7.72
CA HIS A 238 -23.82 -4.47 -7.62
C HIS A 238 -22.78 -5.03 -8.58
N ILE A 239 -22.74 -4.46 -9.80
CA ILE A 239 -21.80 -4.89 -10.82
C ILE A 239 -20.37 -4.60 -10.39
N PHE A 240 -20.17 -3.45 -9.73
CA PHE A 240 -18.83 -3.10 -9.29
C PHE A 240 -18.42 -4.00 -8.12
N VAL A 241 -19.37 -4.30 -7.24
CA VAL A 241 -19.08 -5.16 -6.10
C VAL A 241 -18.65 -6.55 -6.58
N GLU A 242 -19.30 -7.05 -7.63
CA GLU A 242 -18.94 -8.37 -8.18
C GLU A 242 -17.48 -8.28 -8.61
N LEU A 243 -17.12 -7.19 -9.27
CA LEU A 243 -15.76 -7.00 -9.74
C LEU A 243 -14.75 -6.91 -8.60
N VAL A 244 -15.13 -6.26 -7.50
CA VAL A 244 -14.22 -6.13 -6.36
C VAL A 244 -14.00 -7.51 -5.72
N ASP A 245 -15.06 -8.31 -5.69
CA ASP A 245 -15.01 -9.66 -5.15
C ASP A 245 -14.00 -10.47 -5.95
N LEU A 246 -14.13 -10.43 -7.27
CA LEU A 246 -13.25 -11.19 -8.17
C LEU A 246 -11.83 -10.68 -8.28
N LEU A 247 -11.68 -9.36 -8.35
CA LEU A 247 -10.35 -8.77 -8.51
C LEU A 247 -9.53 -8.60 -7.24
N THR A 248 -10.15 -8.20 -6.14
CA THR A 248 -9.39 -7.97 -4.92
C THR A 248 -9.32 -9.15 -3.95
N ARG A 249 -10.35 -9.98 -3.96
CA ARG A 249 -10.46 -11.13 -3.06
C ARG A 249 -10.40 -10.67 -1.60
N ARG A 250 -10.75 -9.40 -1.39
CA ARG A 250 -10.75 -8.80 -0.06
C ARG A 250 -12.15 -8.34 0.35
N LEU A 251 -13.17 -8.82 -0.35
CA LEU A 251 -14.53 -8.41 -0.01
C LEU A 251 -15.04 -9.22 1.18
N THR A 252 -15.79 -8.56 2.05
CA THR A 252 -16.37 -9.22 3.23
C THR A 252 -17.71 -8.52 3.45
N GLU A 253 -18.42 -8.93 4.50
CA GLU A 253 -19.69 -8.28 4.84
C GLU A 253 -19.96 -8.45 6.32
N ILE A 254 -20.61 -7.43 6.88
CA ILE A 254 -21.01 -7.42 8.27
C ILE A 254 -22.44 -6.93 8.25
N ASP A 255 -23.36 -7.72 8.81
CA ASP A 255 -24.77 -7.35 8.86
C ASP A 255 -25.38 -7.02 7.49
N GLY A 256 -24.89 -7.69 6.45
CA GLY A 256 -25.43 -7.46 5.12
C GLY A 256 -24.83 -6.32 4.33
N THR A 257 -23.89 -5.61 4.95
CA THR A 257 -23.23 -4.51 4.26
C THR A 257 -21.90 -5.06 3.76
N PHE A 258 -21.64 -4.92 2.47
CA PHE A 258 -20.37 -5.41 1.91
C PHE A 258 -19.29 -4.37 2.07
N TYR A 259 -18.09 -4.83 2.41
CA TYR A 259 -16.95 -3.95 2.60
C TYR A 259 -15.72 -4.52 1.92
N TYR A 260 -14.92 -3.63 1.35
CA TYR A 260 -13.64 -4.03 0.78
C TYR A 260 -12.70 -3.80 1.98
N ALA A 261 -12.05 -4.86 2.46
CA ALA A 261 -11.13 -4.76 3.59
C ALA A 261 -9.74 -4.50 3.03
N GLY A 262 -9.40 -3.23 2.84
CA GLY A 262 -8.10 -2.90 2.28
C GLY A 262 -6.99 -2.80 3.30
N PRO A 263 -5.74 -2.72 2.83
CA PRO A 263 -4.61 -2.63 3.74
C PRO A 263 -4.49 -1.25 4.41
N ASN A 264 -5.01 -0.22 3.74
CA ASN A 264 -4.91 1.13 4.26
C ASN A 264 -6.23 1.84 4.38
N GLY A 265 -7.31 1.09 4.20
CA GLY A 265 -8.61 1.71 4.29
C GLY A 265 -9.71 0.69 4.08
N VAL A 266 -10.94 1.12 4.27
CA VAL A 266 -12.09 0.25 4.10
C VAL A 266 -13.08 0.98 3.21
N VAL A 267 -13.67 0.25 2.27
CA VAL A 267 -14.66 0.84 1.40
C VAL A 267 -15.99 0.14 1.66
N GLU A 268 -16.97 0.92 2.10
CA GLU A 268 -18.30 0.41 2.41
C GLU A 268 -19.16 0.63 1.18
N PHE A 269 -19.72 -0.45 0.64
CA PHE A 269 -20.53 -0.37 -0.55
C PHE A 269 -22.01 -0.29 -0.22
N LEU A 270 -22.66 0.73 -0.77
CA LEU A 270 -24.09 0.92 -0.53
C LEU A 270 -24.79 0.98 -1.88
N ASP A 271 -26.11 1.18 -1.85
CA ASP A 271 -26.87 1.22 -3.08
C ASP A 271 -26.43 2.38 -3.96
N ASP A 272 -25.66 2.06 -5.00
CA ASP A 272 -25.16 3.06 -5.92
C ASP A 272 -24.46 4.23 -5.21
N ARG A 273 -23.57 3.88 -4.30
CA ARG A 273 -22.78 4.85 -3.54
C ARG A 273 -21.80 4.07 -2.66
N MET A 274 -20.64 4.65 -2.38
CA MET A 274 -19.66 3.97 -1.53
C MET A 274 -18.95 4.96 -0.59
N ARG A 275 -18.77 4.55 0.66
CA ARG A 275 -18.11 5.38 1.66
C ARG A 275 -16.70 4.87 1.88
N ILE A 276 -15.72 5.77 1.77
CA ILE A 276 -14.33 5.40 1.96
C ILE A 276 -13.81 5.84 3.32
N TYR A 277 -13.24 4.89 4.07
CA TYR A 277 -12.65 5.17 5.37
C TYR A 277 -11.16 4.91 5.17
N GLY A 278 -10.32 5.84 5.61
CA GLY A 278 -8.89 5.67 5.42
C GLY A 278 -8.61 5.92 3.94
N ASP A 279 -7.66 5.20 3.35
CA ASP A 279 -7.35 5.37 1.95
C ASP A 279 -7.46 4.07 1.17
N ALA A 280 -8.04 4.16 -0.02
CA ALA A 280 -8.21 2.99 -0.87
C ALA A 280 -8.04 3.43 -2.32
N PRO A 281 -6.91 4.08 -2.63
CA PRO A 281 -6.67 4.54 -4.00
C PRO A 281 -6.79 3.42 -5.03
N GLU A 282 -6.50 2.19 -4.62
CA GLU A 282 -6.58 1.05 -5.52
C GLU A 282 -8.03 0.82 -5.97
N ILE A 283 -8.99 1.13 -5.10
CA ILE A 283 -10.40 0.96 -5.45
C ILE A 283 -10.81 2.09 -6.38
N GLU A 284 -10.28 3.29 -6.13
CA GLU A 284 -10.58 4.43 -7.00
C GLU A 284 -10.07 4.12 -8.40
N ASN A 285 -8.93 3.44 -8.48
CA ASN A 285 -8.36 3.09 -9.78
C ASN A 285 -9.23 2.08 -10.51
N LEU A 286 -9.74 1.08 -9.79
CA LEU A 286 -10.60 0.09 -10.41
C LEU A 286 -11.85 0.77 -10.96
N LEU A 287 -12.37 1.73 -10.19
CA LEU A 287 -13.57 2.47 -10.60
C LEU A 287 -13.33 3.27 -11.89
N THR A 288 -12.17 3.92 -11.98
CA THR A 288 -11.82 4.71 -13.17
C THR A 288 -11.68 3.79 -14.37
N GLN A 289 -10.99 2.67 -14.19
CA GLN A 289 -10.79 1.70 -15.27
C GLN A 289 -12.14 1.16 -15.72
N TRP A 290 -12.99 0.85 -14.77
CA TRP A 290 -14.31 0.31 -15.05
C TRP A 290 -15.13 1.33 -15.84
N GLU A 291 -15.06 2.60 -15.42
CA GLU A 291 -15.77 3.66 -16.12
C GLU A 291 -15.27 3.76 -17.56
N SER A 292 -13.96 3.67 -17.73
CA SER A 292 -13.37 3.76 -19.07
C SER A 292 -13.81 2.58 -19.92
N CYS A 293 -14.21 1.50 -19.27
CA CYS A 293 -14.66 0.32 -19.98
C CYS A 293 -16.19 0.22 -20.08
N GLY A 294 -16.84 1.39 -20.03
CA GLY A 294 -18.28 1.46 -20.16
C GLY A 294 -19.13 0.83 -19.07
N TYR A 295 -18.58 0.67 -17.88
CA TYR A 295 -19.30 0.08 -16.77
C TYR A 295 -19.83 -1.32 -17.03
N ARG A 296 -19.21 -2.04 -17.98
CA ARG A 296 -19.65 -3.38 -18.30
C ARG A 296 -19.40 -4.35 -17.14
N SER A 297 -20.17 -5.43 -17.08
CA SER A 297 -20.02 -6.43 -16.03
C SER A 297 -18.78 -7.27 -16.29
N PHE A 298 -18.36 -8.05 -15.30
CA PHE A 298 -17.15 -8.86 -15.41
C PHE A 298 -17.06 -9.77 -16.63
N GLU A 299 -18.19 -10.26 -17.13
CA GLU A 299 -18.16 -11.16 -18.28
C GLU A 299 -17.53 -10.55 -19.52
N TYR A 300 -17.56 -9.22 -19.59
CA TYR A 300 -17.03 -8.53 -20.77
C TYR A 300 -15.73 -7.77 -20.57
N LEU A 301 -14.99 -8.08 -19.51
CA LEU A 301 -13.74 -7.38 -19.23
C LEU A 301 -12.56 -8.33 -19.07
N MET A 302 -11.35 -7.84 -19.32
CA MET A 302 -10.19 -8.68 -19.12
C MET A 302 -9.75 -8.37 -17.69
N LEU A 303 -9.61 -9.43 -16.89
CA LEU A 303 -9.24 -9.28 -15.49
C LEU A 303 -7.75 -9.50 -15.25
N HIS A 304 -7.16 -8.61 -14.46
CA HIS A 304 -5.75 -8.71 -14.11
C HIS A 304 -5.74 -8.79 -12.59
N VAL A 305 -5.72 -10.02 -12.08
CA VAL A 305 -5.75 -10.29 -10.65
C VAL A 305 -4.35 -10.27 -10.07
N GLY A 306 -4.07 -9.28 -9.23
CA GLY A 306 -2.75 -9.14 -8.68
C GLY A 306 -2.44 -9.92 -7.42
N TYR A 307 -1.22 -10.42 -7.36
CA TYR A 307 -0.74 -11.15 -6.19
C TYR A 307 0.49 -10.38 -5.72
N ASN A 308 0.35 -9.75 -4.55
CA ASN A 308 1.37 -8.88 -3.98
C ASN A 308 1.43 -7.62 -4.85
N ALA A 309 0.32 -7.36 -5.51
CA ALA A 309 0.11 -6.18 -6.35
C ALA A 309 -1.39 -5.99 -6.41
N PHE A 310 -1.84 -4.75 -6.63
CA PHE A 310 -3.28 -4.51 -6.72
C PHE A 310 -3.77 -4.94 -8.10
N SER A 311 -5.07 -5.15 -8.23
CA SER A 311 -5.63 -5.62 -9.49
C SER A 311 -6.11 -4.50 -10.41
N HIS A 312 -6.29 -4.83 -11.68
CA HIS A 312 -6.81 -3.86 -12.63
C HIS A 312 -7.67 -4.47 -13.71
N ILE A 313 -8.41 -3.61 -14.41
CA ILE A 313 -9.31 -4.00 -15.47
C ILE A 313 -8.85 -3.42 -16.81
N SER A 314 -9.06 -4.18 -17.89
CA SER A 314 -8.73 -3.71 -19.23
C SER A 314 -9.83 -4.17 -20.19
N CYS A 315 -9.95 -3.49 -21.32
CA CYS A 315 -10.97 -3.83 -22.31
C CYS A 315 -10.57 -3.35 -23.70
N SER A 316 -9.33 -3.63 -24.08
CA SER A 316 -8.81 -3.21 -25.38
C SER A 316 -9.52 -3.84 -26.58
N ILE A 317 -10.14 -4.99 -26.37
CA ILE A 317 -10.84 -5.70 -27.44
C ILE A 317 -9.87 -6.14 -28.53
N MET B 1 23.90 48.37 16.88
CA MET B 1 23.36 47.82 18.15
C MET B 1 21.91 47.38 17.97
N ARG B 2 21.24 47.03 19.06
CA ARG B 2 19.87 46.57 18.94
C ARG B 2 18.93 47.62 18.37
N GLU B 3 19.24 48.90 18.57
CA GLU B 3 18.37 49.95 18.05
C GLU B 3 18.39 49.92 16.52
N LYS B 4 19.56 49.66 15.94
CA LYS B 4 19.68 49.59 14.49
C LYS B 4 18.95 48.36 13.98
N LEU B 5 19.11 47.24 14.68
CA LEU B 5 18.46 45.99 14.27
C LEU B 5 16.95 46.18 14.23
N PHE B 6 16.40 46.80 15.28
CA PHE B 6 14.97 47.07 15.35
C PHE B 6 14.51 47.87 14.14
N TRP B 7 15.22 48.95 13.85
CA TRP B 7 14.87 49.80 12.72
C TRP B 7 14.83 49.00 11.43
N ILE B 8 15.82 48.12 11.25
CA ILE B 8 15.89 47.29 10.05
C ILE B 8 14.71 46.32 9.99
N LEU B 9 14.36 45.73 11.14
CA LEU B 9 13.24 44.80 11.18
C LEU B 9 11.97 45.52 10.76
N LYS B 10 11.81 46.76 11.23
CA LYS B 10 10.63 47.54 10.88
C LYS B 10 10.62 47.84 9.39
N LYS B 11 11.79 48.10 8.83
CA LYS B 11 11.91 48.40 7.41
C LYS B 11 11.50 47.19 6.57
N TYR B 12 11.62 46.00 7.16
CA TYR B 12 11.28 44.76 6.47
C TYR B 12 9.81 44.41 6.64
N GLY B 13 9.04 45.33 7.21
CA GLY B 13 7.62 45.08 7.38
C GLY B 13 7.24 44.31 8.63
N VAL B 14 8.22 43.92 9.43
CA VAL B 14 7.95 43.18 10.66
C VAL B 14 7.08 44.01 11.58
N SER B 15 6.01 43.41 12.09
CA SER B 15 5.09 44.10 12.99
C SER B 15 5.83 44.65 14.21
N ASP B 16 5.17 45.58 14.90
CA ASP B 16 5.76 46.20 16.07
C ASP B 16 5.88 45.26 17.28
N HIS B 17 4.83 44.46 17.52
CA HIS B 17 4.88 43.56 18.67
C HIS B 17 5.96 42.49 18.57
N ILE B 18 6.35 42.14 17.35
CA ILE B 18 7.40 41.15 17.16
C ILE B 18 8.77 41.83 17.15
N ALA B 19 8.90 42.91 16.40
CA ALA B 19 10.19 43.62 16.35
C ALA B 19 10.63 44.10 17.73
N LYS B 20 9.68 44.51 18.56
CA LYS B 20 10.00 44.99 19.90
C LYS B 20 10.66 43.94 20.78
N ALA B 21 10.38 42.66 20.53
CA ALA B 21 10.98 41.61 21.32
C ALA B 21 12.50 41.63 21.15
N PHE B 22 12.96 42.04 19.98
CA PHE B 22 14.39 42.10 19.69
C PHE B 22 15.11 43.25 20.40
N LEU B 23 14.33 44.16 20.98
CA LEU B 23 14.88 45.29 21.72
C LEU B 23 14.99 44.90 23.19
N GLU B 24 14.31 43.83 23.57
CA GLU B 24 14.30 43.40 24.96
C GLU B 24 15.25 42.28 25.36
N ILE B 25 15.82 41.58 24.38
CA ILE B 25 16.74 40.48 24.68
C ILE B 25 18.18 40.79 24.25
N PRO B 26 19.13 40.70 25.19
CA PRO B 26 20.55 40.97 24.86
C PRO B 26 21.16 39.76 24.15
N ARG B 27 21.30 39.85 22.84
CA ARG B 27 21.85 38.74 22.06
C ARG B 27 23.23 38.31 22.55
N GLU B 28 24.06 39.27 22.98
CA GLU B 28 25.40 38.94 23.46
C GLU B 28 25.41 37.99 24.65
N GLU B 29 24.31 37.94 25.40
CA GLU B 29 24.23 37.04 26.54
C GLU B 29 24.10 35.58 26.12
N PHE B 30 23.84 35.34 24.83
CA PHE B 30 23.70 33.98 24.35
C PHE B 30 24.88 33.47 23.54
N LEU B 31 25.91 34.29 23.42
CA LEU B 31 27.10 33.92 22.68
C LEU B 31 28.19 33.59 23.71
N THR B 32 28.78 32.41 23.60
CA THR B 32 29.81 31.99 24.54
C THR B 32 31.19 32.55 24.20
N LYS B 33 31.32 33.10 23.01
CA LYS B 33 32.57 33.69 22.57
C LYS B 33 32.33 35.17 22.27
N SER B 34 33.05 36.04 22.96
CA SER B 34 32.88 37.47 22.77
C SER B 34 33.04 37.95 21.34
N TYR B 35 32.18 38.90 20.96
CA TYR B 35 32.19 39.52 19.64
C TYR B 35 32.05 41.02 19.88
N PRO B 36 32.57 41.84 18.96
CA PRO B 36 32.44 43.28 19.17
C PRO B 36 30.94 43.55 19.13
N LEU B 37 30.42 44.29 20.10
CA LEU B 37 28.99 44.58 20.15
C LEU B 37 28.38 45.04 18.82
N SER B 38 29.18 45.73 18.00
CA SER B 38 28.70 46.22 16.71
C SER B 38 28.41 45.07 15.75
N TYR B 39 29.06 43.94 15.98
CA TYR B 39 28.89 42.76 15.14
C TYR B 39 27.68 41.98 15.65
N VAL B 40 27.58 41.87 16.96
CA VAL B 40 26.51 41.13 17.62
C VAL B 40 25.13 41.43 17.07
N TYR B 41 24.82 42.70 16.84
CA TYR B 41 23.50 43.06 16.36
C TYR B 41 23.33 43.21 14.85
N GLU B 42 24.33 42.82 14.08
CA GLU B 42 24.17 42.88 12.63
C GLU B 42 23.19 41.77 12.29
N ASP B 43 22.43 41.96 11.21
CA ASP B 43 21.45 40.97 10.82
C ASP B 43 22.09 39.76 10.12
N ILE B 44 22.86 38.99 10.88
CA ILE B 44 23.56 37.84 10.33
C ILE B 44 23.57 36.67 11.32
N VAL B 45 24.04 35.53 10.82
CA VAL B 45 24.16 34.33 11.64
C VAL B 45 25.48 34.48 12.39
N LEU B 46 25.49 34.09 13.66
CA LEU B 46 26.69 34.18 14.48
C LEU B 46 26.95 32.84 15.14
N VAL B 47 28.22 32.52 15.34
CA VAL B 47 28.59 31.27 16.02
C VAL B 47 28.38 31.56 17.51
N SER B 48 27.51 30.79 18.14
CA SER B 48 27.19 30.99 19.56
C SER B 48 27.94 30.03 20.47
N TYR B 49 28.44 28.94 19.90
CA TYR B 49 29.16 27.95 20.67
C TYR B 49 30.04 27.12 19.75
N ASP B 50 31.23 26.78 20.24
CA ASP B 50 32.17 25.97 19.48
C ASP B 50 33.32 25.58 20.39
N ASP B 51 33.28 24.36 20.90
CA ASP B 51 34.33 23.87 21.79
C ASP B 51 35.32 23.02 21.00
N GLY B 52 35.26 23.13 19.68
CA GLY B 52 36.16 22.37 18.83
C GLY B 52 35.60 21.03 18.37
N GLU B 53 34.58 20.54 19.07
CA GLU B 53 33.96 19.26 18.73
C GLU B 53 32.48 19.48 18.42
N GLU B 54 31.85 20.39 19.16
CA GLU B 54 30.45 20.72 18.97
C GLU B 54 30.32 22.21 18.72
N TYR B 55 29.26 22.61 18.02
CA TYR B 55 29.05 24.02 17.76
C TYR B 55 27.58 24.32 17.46
N SER B 56 27.20 25.57 17.67
CA SER B 56 25.84 26.00 17.43
C SER B 56 25.89 27.41 16.89
N THR B 57 24.81 27.87 16.28
CA THR B 57 24.77 29.21 15.74
C THR B 57 23.48 29.93 16.08
N SER B 58 23.56 31.25 16.23
CA SER B 58 22.38 32.07 16.48
C SER B 58 21.96 32.49 15.08
N SER B 59 20.71 32.18 14.73
CA SER B 59 20.19 32.48 13.40
C SER B 59 20.03 33.96 13.07
N GLN B 60 19.90 34.25 11.78
CA GLN B 60 19.72 35.61 11.31
C GLN B 60 18.44 36.18 11.91
N PRO B 61 18.55 37.29 12.65
CA PRO B 61 17.38 37.91 13.27
C PRO B 61 16.17 38.15 12.37
N SER B 62 16.39 38.76 11.21
CA SER B 62 15.28 39.05 10.32
C SER B 62 14.57 37.80 9.84
N LEU B 63 15.31 36.71 9.61
CA LEU B 63 14.69 35.47 9.18
C LEU B 63 13.77 34.96 10.28
N MET B 64 14.24 35.03 11.52
CA MET B 64 13.45 34.59 12.67
C MET B 64 12.21 35.46 12.83
N ALA B 65 12.38 36.77 12.67
CA ALA B 65 11.26 37.69 12.80
C ALA B 65 10.19 37.39 11.74
N LEU B 66 10.64 37.08 10.53
CA LEU B 66 9.73 36.75 9.43
C LEU B 66 8.98 35.45 9.74
N PHE B 67 9.71 34.47 10.27
CA PHE B 67 9.13 33.18 10.64
C PHE B 67 8.01 33.45 11.66
N MET B 68 8.30 34.29 12.64
CA MET B 68 7.33 34.62 13.68
C MET B 68 6.08 35.28 13.11
N GLU B 69 6.29 36.21 12.17
CA GLU B 69 5.18 36.91 11.54
C GLU B 69 4.33 35.91 10.75
N TRP B 70 4.99 35.05 9.99
CA TRP B 70 4.28 34.07 9.17
C TRP B 70 3.43 33.07 9.94
N VAL B 71 3.86 32.68 11.14
CA VAL B 71 3.08 31.73 11.94
C VAL B 71 2.09 32.46 12.83
N GLY B 72 2.10 33.78 12.76
CA GLY B 72 1.18 34.59 13.56
C GLY B 72 1.45 34.51 15.04
N LEU B 73 2.72 34.43 15.42
CA LEU B 73 3.08 34.34 16.83
C LEU B 73 2.55 35.55 17.59
N ASP B 74 1.82 35.30 18.68
CA ASP B 74 1.24 36.37 19.48
C ASP B 74 1.12 35.98 20.96
N LYS B 75 0.66 36.92 21.78
CA LYS B 75 0.51 36.69 23.22
C LYS B 75 -0.30 35.48 23.63
N GLY B 76 0.16 34.81 24.68
CA GLY B 76 -0.54 33.67 25.21
C GLY B 76 -0.37 32.34 24.50
N MET B 77 0.38 32.34 23.40
CA MET B 77 0.58 31.10 22.66
C MET B 77 1.61 30.16 23.26
N ARG B 78 1.48 28.88 22.92
CA ARG B 78 2.40 27.85 23.36
C ARG B 78 3.17 27.45 22.13
N VAL B 79 4.49 27.59 22.18
CA VAL B 79 5.33 27.27 21.04
C VAL B 79 6.35 26.19 21.36
N LEU B 80 6.50 25.25 20.43
CA LEU B 80 7.49 24.19 20.57
C LEU B 80 8.59 24.55 19.59
N GLU B 81 9.78 24.88 20.10
CA GLU B 81 10.88 25.22 19.21
C GLU B 81 11.80 24.01 19.09
N ILE B 82 12.19 23.70 17.86
CA ILE B 82 13.08 22.56 17.61
C ILE B 82 14.46 23.08 17.20
N GLY B 83 15.46 22.80 18.04
CA GLY B 83 16.83 23.25 17.79
C GLY B 83 17.12 24.51 18.58
N GLY B 84 16.97 24.42 19.90
CA GLY B 84 17.15 25.57 20.78
C GLY B 84 18.50 26.26 20.89
N GLY B 85 19.58 25.55 20.59
CA GLY B 85 20.90 26.16 20.66
C GLY B 85 21.16 26.75 22.04
N THR B 86 21.82 27.91 22.09
CA THR B 86 22.11 28.54 23.37
C THR B 86 20.94 29.35 23.90
N GLY B 87 19.82 29.38 23.15
CA GLY B 87 18.63 30.06 23.62
C GLY B 87 18.16 31.43 23.16
N TYR B 88 18.91 32.11 22.31
CA TYR B 88 18.51 33.45 21.88
C TYR B 88 17.13 33.54 21.25
N ASN B 89 16.84 32.70 20.26
CA ASN B 89 15.54 32.81 19.62
C ASN B 89 14.41 32.44 20.57
N ALA B 90 14.64 31.44 21.40
CA ALA B 90 13.64 31.03 22.38
C ALA B 90 13.32 32.22 23.28
N ALA B 91 14.36 32.93 23.69
CA ALA B 91 14.20 34.10 24.56
C ALA B 91 13.40 35.19 23.88
N VAL B 92 13.69 35.45 22.61
CA VAL B 92 12.97 36.49 21.88
C VAL B 92 11.51 36.10 21.75
N MET B 93 11.24 34.86 21.37
CA MET B 93 9.87 34.41 21.25
C MET B 93 9.14 34.48 22.58
N SER B 94 9.87 34.30 23.68
CA SER B 94 9.25 34.34 25.00
C SER B 94 8.65 35.71 25.25
N ARG B 95 9.22 36.74 24.64
CA ARG B 95 8.71 38.10 24.81
C ARG B 95 7.45 38.30 23.96
N VAL B 96 7.42 37.68 22.79
CA VAL B 96 6.28 37.79 21.90
C VAL B 96 5.03 37.11 22.49
N VAL B 97 5.19 35.90 23.03
CA VAL B 97 4.06 35.20 23.61
C VAL B 97 3.65 35.75 24.98
N GLY B 98 4.56 36.53 25.59
CA GLY B 98 4.25 37.13 26.88
C GLY B 98 4.22 36.24 28.11
N GLU B 99 3.97 36.88 29.25
CA GLU B 99 3.92 36.16 30.53
C GLU B 99 2.93 35.01 30.58
N LYS B 100 1.88 35.07 29.77
CA LYS B 100 0.87 34.02 29.75
C LYS B 100 1.21 32.92 28.75
N GLY B 101 2.19 33.18 27.88
CA GLY B 101 2.58 32.20 26.88
C GLY B 101 3.71 31.31 27.37
N LEU B 102 4.12 30.35 26.54
CA LEU B 102 5.19 29.45 26.93
C LEU B 102 5.98 28.97 25.73
N VAL B 103 7.30 28.90 25.90
CA VAL B 103 8.19 28.40 24.86
C VAL B 103 8.88 27.15 25.38
N VAL B 104 8.66 26.02 24.72
CA VAL B 104 9.29 24.76 25.09
C VAL B 104 10.30 24.56 23.96
N SER B 105 11.59 24.62 24.28
CA SER B 105 12.65 24.51 23.28
C SER B 105 13.51 23.27 23.46
N VAL B 106 13.66 22.50 22.40
CA VAL B 106 14.45 21.27 22.45
C VAL B 106 15.81 21.42 21.81
N GLU B 107 16.86 21.02 22.54
CA GLU B 107 18.24 21.06 22.07
C GLU B 107 18.84 19.67 22.30
N TYR B 108 19.36 19.08 21.22
CA TYR B 108 19.93 17.74 21.23
C TYR B 108 21.28 17.59 21.95
N SER B 109 22.13 18.61 21.83
CA SER B 109 23.43 18.59 22.50
C SER B 109 23.29 18.83 24.00
N ARG B 110 23.76 17.88 24.80
CA ARG B 110 23.67 18.02 26.25
C ARG B 110 24.36 19.29 26.74
N LYS B 111 25.57 19.56 26.23
CA LYS B 111 26.33 20.73 26.65
C LYS B 111 25.68 22.06 26.25
N ILE B 112 25.24 22.15 25.00
CA ILE B 112 24.61 23.36 24.51
C ILE B 112 23.29 23.62 25.22
N CYS B 113 22.55 22.54 25.48
CA CYS B 113 21.27 22.66 26.18
C CYS B 113 21.49 23.21 27.60
N GLU B 114 22.52 22.69 28.28
CA GLU B 114 22.82 23.15 29.64
C GLU B 114 23.16 24.65 29.63
N ILE B 115 23.87 25.08 28.59
CA ILE B 115 24.24 26.49 28.45
C ILE B 115 22.98 27.34 28.27
N ALA B 116 22.04 26.84 27.48
CA ALA B 116 20.78 27.55 27.22
C ALA B 116 20.03 27.72 28.55
N LYS B 117 19.96 26.65 29.34
CA LYS B 117 19.27 26.69 30.62
C LYS B 117 19.92 27.69 31.56
N ARG B 118 21.25 27.73 31.57
CA ARG B 118 21.97 28.68 32.41
C ARG B 118 21.71 30.11 31.95
N ASN B 119 21.59 30.31 30.64
CA ASN B 119 21.34 31.65 30.11
C ASN B 119 19.97 32.23 30.51
N VAL B 120 18.90 31.46 30.34
CA VAL B 120 17.59 31.97 30.73
C VAL B 120 17.49 32.08 32.25
N GLU B 121 18.20 31.20 32.95
CA GLU B 121 18.21 31.22 34.41
C GLU B 121 18.85 32.54 34.85
N ARG B 122 20.02 32.82 34.28
CA ARG B 122 20.78 34.03 34.59
C ARG B 122 20.02 35.32 34.26
N LEU B 123 19.24 35.30 33.19
CA LEU B 123 18.49 36.50 32.80
C LEU B 123 17.10 36.58 33.43
N GLY B 124 16.74 35.56 34.21
CA GLY B 124 15.44 35.58 34.85
C GLY B 124 14.26 35.40 33.90
N ILE B 125 14.49 34.74 32.78
CA ILE B 125 13.41 34.48 31.81
C ILE B 125 12.70 33.24 32.35
N GLU B 126 11.43 33.38 32.70
CA GLU B 126 10.71 32.26 33.29
C GLU B 126 9.71 31.48 32.45
N ASN B 127 9.37 31.97 31.26
CA ASN B 127 8.40 31.25 30.44
C ASN B 127 9.04 30.48 29.28
N VAL B 128 10.27 30.02 29.52
CA VAL B 128 11.00 29.22 28.55
C VAL B 128 11.48 27.95 29.23
N ILE B 129 11.12 26.80 28.67
CA ILE B 129 11.54 25.52 29.23
C ILE B 129 12.41 24.83 28.20
N PHE B 130 13.68 24.60 28.53
CA PHE B 130 14.57 23.89 27.60
C PHE B 130 14.56 22.40 27.89
N VAL B 131 14.42 21.61 26.84
CA VAL B 131 14.40 20.16 26.94
C VAL B 131 15.64 19.65 26.22
N CYS B 132 16.44 18.86 26.93
CA CYS B 132 17.66 18.33 26.35
C CYS B 132 17.36 16.95 25.78
N GLY B 133 17.19 16.89 24.46
CA GLY B 133 16.90 15.62 23.83
C GLY B 133 16.72 15.74 22.33
N ASP B 134 16.23 14.67 21.71
CA ASP B 134 16.01 14.65 20.27
C ASP B 134 14.68 15.30 19.95
N GLY B 135 14.73 16.41 19.21
CA GLY B 135 13.51 17.13 18.84
C GLY B 135 12.52 16.27 18.08
N TYR B 136 12.98 15.14 17.56
CA TYR B 136 12.11 14.24 16.81
C TYR B 136 10.83 13.91 17.59
N TYR B 137 10.98 13.68 18.89
CA TYR B 137 9.83 13.31 19.72
C TYR B 137 8.93 14.43 20.19
N GLY B 138 9.37 15.68 20.03
CA GLY B 138 8.57 16.80 20.51
C GLY B 138 8.46 16.70 22.02
N VAL B 139 7.43 17.29 22.62
CA VAL B 139 7.23 17.24 24.07
C VAL B 139 5.72 17.21 24.31
N PRO B 140 5.14 16.00 24.30
CA PRO B 140 3.71 15.74 24.50
C PRO B 140 3.04 16.44 25.67
N GLU B 141 3.68 16.39 26.83
CA GLU B 141 3.14 16.96 28.06
C GLU B 141 2.70 18.42 27.98
N PHE B 142 3.44 19.24 27.26
CA PHE B 142 3.10 20.65 27.15
C PHE B 142 2.24 21.00 25.94
N SER B 143 1.88 20.00 25.15
CA SER B 143 1.03 20.25 23.99
C SER B 143 -0.39 20.32 24.54
N PRO B 144 -1.37 20.74 23.72
CA PRO B 144 -1.30 21.16 22.32
C PRO B 144 -0.54 22.48 22.11
N TYR B 145 0.21 22.56 21.03
CA TYR B 145 0.96 23.76 20.71
C TYR B 145 0.23 24.55 19.63
N ASP B 146 0.38 25.86 19.68
CA ASP B 146 -0.21 26.73 18.67
C ASP B 146 0.74 26.75 17.48
N VAL B 147 2.02 26.62 17.78
CA VAL B 147 3.04 26.69 16.75
C VAL B 147 4.24 25.76 17.02
N ILE B 148 4.77 25.19 15.94
CA ILE B 148 5.97 24.36 16.05
C ILE B 148 6.94 25.20 15.21
N PHE B 149 7.98 25.71 15.87
CA PHE B 149 8.98 26.60 15.27
C PHE B 149 10.30 25.87 15.14
N VAL B 150 10.68 25.54 13.90
CA VAL B 150 11.91 24.77 13.66
C VAL B 150 13.09 25.62 13.21
N THR B 151 14.19 25.55 13.96
CA THR B 151 15.36 26.35 13.66
C THR B 151 16.60 25.51 13.40
N VAL B 152 16.37 24.38 12.76
CA VAL B 152 17.43 23.46 12.38
C VAL B 152 16.85 22.69 11.19
N GLY B 153 17.69 22.36 10.21
CA GLY B 153 17.18 21.64 9.05
C GLY B 153 16.81 20.21 9.41
N VAL B 154 15.56 19.83 9.13
CA VAL B 154 15.07 18.49 9.47
C VAL B 154 14.62 17.66 8.26
N ASP B 155 14.80 16.34 8.36
CA ASP B 155 14.45 15.43 7.27
C ASP B 155 12.96 15.34 6.99
N GLU B 156 12.14 15.60 8.01
CA GLU B 156 10.70 15.52 7.87
C GLU B 156 10.05 16.18 9.09
N VAL B 157 8.73 16.33 9.02
CA VAL B 157 7.95 16.82 10.16
C VAL B 157 7.34 15.50 10.63
N PRO B 158 7.86 14.93 11.72
CA PRO B 158 7.35 13.65 12.26
C PRO B 158 5.90 13.74 12.71
N GLU B 159 5.25 12.58 12.78
CA GLU B 159 3.86 12.53 13.20
C GLU B 159 3.70 13.04 14.63
N THR B 160 4.76 12.93 15.43
CA THR B 160 4.73 13.41 16.82
C THR B 160 4.35 14.89 16.85
N TRP B 161 4.97 15.69 15.98
CA TRP B 161 4.68 17.12 15.94
C TRP B 161 3.24 17.36 15.46
N PHE B 162 2.80 16.58 14.48
CA PHE B 162 1.46 16.70 13.95
C PHE B 162 0.43 16.48 15.06
N THR B 163 0.66 15.44 15.84
CA THR B 163 -0.24 15.10 16.94
C THR B 163 -0.26 16.15 18.05
N GLN B 164 0.90 16.72 18.32
CA GLN B 164 1.04 17.73 19.38
C GLN B 164 0.59 19.14 18.98
N LEU B 165 0.25 19.30 17.70
CA LEU B 165 -0.18 20.58 17.17
C LEU B 165 -1.71 20.71 17.15
N LYS B 166 -2.22 21.86 17.57
CA LYS B 166 -3.65 22.12 17.57
C LYS B 166 -4.16 22.16 16.14
N GLU B 167 -5.44 21.84 15.94
CA GLU B 167 -6.03 21.95 14.62
C GLU B 167 -5.94 23.45 14.35
N GLY B 168 -5.50 23.82 13.16
CA GLY B 168 -5.36 25.23 12.82
C GLY B 168 -4.00 25.78 13.21
N GLY B 169 -3.24 24.97 13.94
CA GLY B 169 -1.90 25.38 14.36
C GLY B 169 -0.97 25.49 13.18
N ARG B 170 0.16 26.17 13.36
CA ARG B 170 1.12 26.34 12.28
C ARG B 170 2.49 25.73 12.56
N VAL B 171 3.18 25.38 11.48
CA VAL B 171 4.53 24.86 11.55
C VAL B 171 5.35 25.63 10.54
N ILE B 172 6.49 26.16 10.95
CA ILE B 172 7.39 26.85 10.03
C ILE B 172 8.63 25.95 10.13
N VAL B 173 9.06 25.41 9.00
CA VAL B 173 10.14 24.44 9.05
C VAL B 173 11.03 24.33 7.82
N PRO B 174 12.36 24.26 8.04
CA PRO B 174 13.29 24.13 6.93
C PRO B 174 13.51 22.62 6.77
N ILE B 175 13.26 22.10 5.58
CA ILE B 175 13.39 20.67 5.31
C ILE B 175 14.63 20.33 4.51
N ASN B 176 15.36 19.32 4.95
CA ASN B 176 16.56 18.87 4.26
C ASN B 176 16.12 18.06 3.03
N LEU B 177 16.21 18.64 1.84
CA LEU B 177 15.83 17.90 0.63
C LEU B 177 16.97 16.94 0.31
N LYS B 178 16.65 15.66 0.24
CA LYS B 178 17.66 14.63 0.01
C LYS B 178 18.35 14.69 -1.35
N LEU B 179 17.61 15.05 -2.40
CA LEU B 179 18.20 15.11 -3.74
C LEU B 179 18.98 16.37 -4.07
N SER B 180 18.33 17.52 -3.97
CA SER B 180 18.99 18.77 -4.32
C SER B 180 19.90 19.34 -3.23
N ARG B 181 19.82 18.77 -2.04
CA ARG B 181 20.64 19.23 -0.93
C ARG B 181 20.43 20.71 -0.63
N ARG B 182 19.15 21.10 -0.62
CA ARG B 182 18.73 22.47 -0.32
C ARG B 182 17.91 22.38 0.95
N GLN B 183 17.61 23.52 1.55
CA GLN B 183 16.81 23.56 2.76
C GLN B 183 15.67 24.56 2.62
N PRO B 184 14.68 24.24 1.79
CA PRO B 184 13.53 25.14 1.60
C PRO B 184 12.73 25.18 2.90
N ALA B 185 12.21 26.35 3.24
CA ALA B 185 11.40 26.48 4.44
C ALA B 185 9.94 26.51 4.00
N PHE B 186 9.10 25.76 4.72
CA PHE B 186 7.68 25.68 4.41
C PHE B 186 6.84 26.14 5.59
N LEU B 187 5.68 26.70 5.27
CA LEU B 187 4.72 27.14 6.29
C LEU B 187 3.51 26.22 6.12
N PHE B 188 3.18 25.48 7.18
CA PHE B 188 2.04 24.56 7.15
C PHE B 188 1.01 24.94 8.19
N LYS B 189 -0.22 24.52 7.94
CA LYS B 189 -1.31 24.73 8.88
C LYS B 189 -1.95 23.36 9.00
N LYS B 190 -2.26 22.96 10.22
CA LYS B 190 -2.87 21.66 10.45
C LYS B 190 -4.37 21.64 10.19
N LYS B 191 -4.78 20.70 9.36
CA LYS B 191 -6.18 20.49 9.02
C LYS B 191 -6.26 18.97 8.92
N ASP B 192 -6.37 18.32 10.07
CA ASP B 192 -6.42 16.86 10.11
C ASP B 192 -7.22 16.28 8.95
N PRO B 193 -6.69 15.23 8.33
CA PRO B 193 -5.43 14.56 8.64
C PRO B 193 -4.20 15.09 7.90
N TYR B 194 -4.20 16.36 7.53
CA TYR B 194 -3.06 16.92 6.80
C TYR B 194 -2.42 18.16 7.39
N LEU B 195 -1.19 18.40 6.93
CA LEU B 195 -0.47 19.63 7.24
C LEU B 195 -0.53 20.21 5.83
N VAL B 196 -1.24 21.33 5.67
CA VAL B 196 -1.38 21.96 4.36
C VAL B 196 -0.45 23.15 4.32
N GLY B 197 0.46 23.16 3.36
CA GLY B 197 1.39 24.26 3.31
C GLY B 197 2.01 24.61 1.98
N ASN B 198 2.88 25.60 2.03
CA ASN B 198 3.53 26.10 0.85
C ASN B 198 4.96 26.50 1.16
N TYR B 199 5.79 26.41 0.12
CA TYR B 199 7.18 26.80 0.17
C TYR B 199 7.22 28.30 0.38
N LYS B 200 8.16 28.78 1.20
CA LYS B 200 8.28 30.22 1.45
C LYS B 200 9.57 30.78 0.88
N LEU B 201 10.70 30.18 1.23
CA LEU B 201 12.00 30.63 0.73
C LEU B 201 13.09 29.62 1.06
N GLU B 202 14.25 29.76 0.42
CA GLU B 202 15.37 28.86 0.68
C GLU B 202 16.14 29.39 1.89
N THR B 203 16.56 28.48 2.77
CA THR B 203 17.29 28.88 3.95
C THR B 203 18.56 28.06 4.11
N ARG B 204 19.33 28.40 5.14
CA ARG B 204 20.57 27.69 5.45
C ARG B 204 20.62 27.54 6.96
N PHE B 205 20.39 26.33 7.45
CA PHE B 205 20.45 26.07 8.88
C PHE B 205 21.39 24.90 9.06
N ILE B 206 21.79 24.66 10.30
CA ILE B 206 22.63 23.52 10.62
C ILE B 206 21.74 22.31 10.32
N THR B 207 22.32 21.23 9.81
CA THR B 207 21.52 20.04 9.53
C THR B 207 21.37 19.25 10.83
N ALA B 208 20.13 18.89 11.16
CA ALA B 208 19.83 18.16 12.38
C ALA B 208 20.49 16.80 12.50
N GLY B 209 20.69 16.38 13.73
CA GLY B 209 21.26 15.08 14.00
C GLY B 209 20.16 14.21 14.60
N GLY B 210 20.52 13.08 15.16
CA GLY B 210 19.52 12.22 15.75
C GLY B 210 18.50 11.75 14.73
N ASN B 211 17.28 11.50 15.18
CA ASN B 211 16.25 11.01 14.27
C ASN B 211 15.70 12.06 13.30
N LEU B 212 16.18 13.29 13.41
CA LEU B 212 15.73 14.33 12.50
C LEU B 212 16.71 14.43 11.33
N GLY B 213 17.77 13.61 11.38
CA GLY B 213 18.75 13.63 10.31
C GLY B 213 19.10 12.28 9.74
N ASN B 214 18.34 11.24 10.10
CA ASN B 214 18.62 9.89 9.61
C ASN B 214 17.41 9.23 8.95
N LEU B 215 16.55 10.03 8.32
CA LEU B 215 15.36 9.49 7.67
C LEU B 215 15.65 8.46 6.57
N LEU B 216 16.64 8.74 5.73
CA LEU B 216 16.97 7.81 4.65
C LEU B 216 17.35 6.46 5.23
N GLU B 217 18.16 6.48 6.29
CA GLU B 217 18.58 5.25 6.94
C GLU B 217 17.41 4.53 7.60
N ARG B 218 16.55 5.27 8.29
CA ARG B 218 15.41 4.64 8.94
C ARG B 218 14.48 3.99 7.91
N ASN B 219 14.23 4.70 6.82
CA ASN B 219 13.35 4.17 5.78
C ASN B 219 13.94 2.98 5.03
N ARG B 220 15.26 2.86 4.99
CA ARG B 220 15.90 1.74 4.31
C ARG B 220 15.44 0.46 5.00
N LYS B 221 15.18 0.57 6.30
CA LYS B 221 14.73 -0.56 7.10
C LYS B 221 13.27 -0.94 6.84
N LEU B 222 12.53 -0.05 6.16
CA LEU B 222 11.13 -0.29 5.85
C LEU B 222 10.98 -0.98 4.50
N LEU B 223 12.09 -1.12 3.77
CA LEU B 223 12.05 -1.77 2.47
C LEU B 223 11.72 -3.24 2.63
N ARG B 224 10.90 -3.76 1.74
CA ARG B 224 10.52 -5.17 1.76
C ARG B 224 10.62 -5.73 0.36
N GLU B 225 10.64 -7.06 0.24
CA GLU B 225 10.74 -7.69 -1.06
C GLU B 225 9.37 -7.80 -1.71
N PHE B 226 9.26 -7.27 -2.92
CA PHE B 226 8.01 -7.29 -3.69
C PHE B 226 8.35 -7.65 -5.12
N PRO B 227 7.42 -8.30 -5.83
CA PRO B 227 7.68 -8.67 -7.22
C PRO B 227 7.62 -7.47 -8.16
N PHE B 228 8.46 -7.48 -9.19
CA PHE B 228 8.43 -6.38 -10.14
C PHE B 228 7.05 -6.35 -10.76
N ASN B 229 6.44 -5.16 -10.76
CA ASN B 229 5.11 -4.96 -11.30
C ASN B 229 5.21 -4.33 -12.68
N ARG B 230 5.57 -3.05 -12.71
CA ARG B 230 5.69 -2.36 -13.98
C ARG B 230 6.64 -1.18 -13.92
N GLU B 231 7.02 -0.71 -15.10
CA GLU B 231 7.91 0.43 -15.23
C GLU B 231 7.08 1.59 -15.77
N ILE B 232 7.37 2.80 -15.29
CA ILE B 232 6.64 3.98 -15.76
C ILE B 232 7.65 5.04 -16.16
N LEU B 233 7.57 5.51 -17.40
CA LEU B 233 8.48 6.54 -17.85
C LEU B 233 8.00 7.88 -17.30
N LEU B 234 8.92 8.82 -17.17
CA LEU B 234 8.52 10.15 -16.70
C LEU B 234 9.59 11.17 -17.04
N VAL B 235 9.16 12.43 -17.14
CA VAL B 235 10.08 13.50 -17.45
C VAL B 235 10.37 14.19 -16.13
N ARG B 236 11.38 15.06 -16.13
CA ARG B 236 11.74 15.84 -14.95
C ARG B 236 11.66 15.00 -13.69
N SER B 237 12.24 13.80 -13.74
CA SER B 237 12.19 12.87 -12.62
C SER B 237 12.66 13.42 -11.28
N HIS B 238 13.73 14.20 -11.30
CA HIS B 238 14.29 14.74 -10.06
C HIS B 238 13.28 15.64 -9.33
N ILE B 239 12.52 16.41 -10.09
CA ILE B 239 11.51 17.28 -9.52
C ILE B 239 10.45 16.43 -8.83
N PHE B 240 10.05 15.33 -9.48
CA PHE B 240 9.05 14.47 -8.87
C PHE B 240 9.61 13.78 -7.62
N VAL B 241 10.84 13.31 -7.68
CA VAL B 241 11.43 12.65 -6.53
C VAL B 241 11.49 13.58 -5.32
N GLU B 242 11.76 14.87 -5.54
CA GLU B 242 11.80 15.81 -4.42
C GLU B 242 10.42 15.96 -3.82
N LEU B 243 9.39 15.90 -4.67
CA LEU B 243 8.02 15.98 -4.17
C LEU B 243 7.71 14.74 -3.34
N VAL B 244 8.22 13.58 -3.76
CA VAL B 244 7.98 12.35 -3.01
C VAL B 244 8.66 12.45 -1.65
N ASP B 245 9.86 13.02 -1.65
CA ASP B 245 10.62 13.23 -0.41
C ASP B 245 9.76 14.05 0.56
N LEU B 246 9.30 15.21 0.09
CA LEU B 246 8.49 16.13 0.91
C LEU B 246 7.11 15.60 1.32
N LEU B 247 6.39 15.02 0.37
CA LEU B 247 5.03 14.54 0.65
C LEU B 247 4.89 13.21 1.38
N THR B 248 5.73 12.22 1.04
CA THR B 248 5.61 10.92 1.66
C THR B 248 6.52 10.64 2.85
N ARG B 249 7.67 11.30 2.88
CA ARG B 249 8.64 11.11 3.95
C ARG B 249 9.08 9.64 4.04
N ARG B 250 8.95 8.92 2.93
CA ARG B 250 9.32 7.49 2.88
C ARG B 250 10.46 7.21 1.92
N LEU B 251 11.21 8.24 1.56
CA LEU B 251 12.31 8.05 0.64
C LEU B 251 13.54 7.45 1.33
N THR B 252 14.24 6.57 0.64
CA THR B 252 15.48 5.98 1.15
C THR B 252 16.38 5.90 -0.06
N GLU B 253 17.56 5.32 0.10
CA GLU B 253 18.48 5.15 -1.01
C GLU B 253 19.49 4.08 -0.71
N ILE B 254 19.96 3.43 -1.77
CA ILE B 254 20.97 2.39 -1.68
C ILE B 254 21.91 2.64 -2.83
N ASP B 255 23.18 2.87 -2.52
CA ASP B 255 24.19 3.13 -3.53
C ASP B 255 23.88 4.29 -4.47
N GLY B 256 23.20 5.31 -3.96
CA GLY B 256 22.89 6.47 -4.79
C GLY B 256 21.58 6.44 -5.53
N THR B 257 20.89 5.30 -5.52
CA THR B 257 19.59 5.21 -6.19
C THR B 257 18.52 5.39 -5.12
N PHE B 258 17.60 6.32 -5.34
CA PHE B 258 16.53 6.57 -4.38
C PHE B 258 15.38 5.61 -4.59
N TYR B 259 14.74 5.23 -3.48
CA TYR B 259 13.61 4.34 -3.51
C TYR B 259 12.55 4.88 -2.57
N TYR B 260 11.29 4.69 -2.94
CA TYR B 260 10.18 5.06 -2.07
C TYR B 260 9.86 3.74 -1.38
N ALA B 261 9.97 3.72 -0.04
CA ALA B 261 9.68 2.52 0.74
C ALA B 261 8.23 2.60 1.16
N GLY B 262 7.34 2.05 0.34
CA GLY B 262 5.93 2.12 0.64
C GLY B 262 5.37 0.97 1.46
N PRO B 263 4.13 1.12 1.93
CA PRO B 263 3.49 0.08 2.74
C PRO B 263 3.19 -1.18 1.95
N ASN B 264 2.93 -1.02 0.65
CA ASN B 264 2.59 -2.16 -0.20
C ASN B 264 3.48 -2.34 -1.42
N GLY B 265 4.61 -1.64 -1.43
CA GLY B 265 5.51 -1.77 -2.56
C GLY B 265 6.72 -0.88 -2.44
N VAL B 266 7.62 -0.99 -3.40
CA VAL B 266 8.83 -0.18 -3.43
C VAL B 266 8.96 0.42 -4.82
N VAL B 267 9.21 1.73 -4.89
CA VAL B 267 9.38 2.36 -6.19
C VAL B 267 10.85 2.78 -6.32
N GLU B 268 11.50 2.27 -7.36
CA GLU B 268 12.89 2.57 -7.63
C GLU B 268 12.91 3.73 -8.64
N PHE B 269 13.57 4.82 -8.27
CA PHE B 269 13.63 5.97 -9.16
C PHE B 269 14.90 6.00 -9.98
N LEU B 270 14.72 5.94 -11.29
CA LEU B 270 15.86 5.99 -12.21
C LEU B 270 15.85 7.35 -12.90
N ASP B 271 16.86 7.60 -13.72
CA ASP B 271 16.99 8.88 -14.41
C ASP B 271 15.78 9.29 -15.26
N ASP B 272 15.23 8.36 -16.03
CA ASP B 272 14.12 8.68 -16.91
C ASP B 272 12.88 7.83 -16.69
N ARG B 273 12.83 7.09 -15.59
CA ARG B 273 11.69 6.24 -15.32
C ARG B 273 11.70 5.74 -13.89
N MET B 274 10.63 5.09 -13.48
CA MET B 274 10.56 4.51 -12.15
C MET B 274 10.05 3.08 -12.31
N ARG B 275 10.57 2.19 -11.47
CA ARG B 275 10.16 0.80 -11.51
C ARG B 275 9.39 0.49 -10.23
N ILE B 276 8.17 0.00 -10.39
CA ILE B 276 7.32 -0.33 -9.25
C ILE B 276 7.38 -1.83 -8.92
N TYR B 277 7.72 -2.13 -7.68
CA TYR B 277 7.77 -3.51 -7.19
C TYR B 277 6.61 -3.59 -6.21
N GLY B 278 5.72 -4.56 -6.39
CA GLY B 278 4.56 -4.65 -5.52
C GLY B 278 3.62 -3.60 -6.07
N ASP B 279 3.11 -2.70 -5.22
CA ASP B 279 2.25 -1.66 -5.74
C ASP B 279 2.34 -0.37 -4.92
N ALA B 280 2.10 0.76 -5.58
CA ALA B 280 2.15 2.06 -4.93
C ALA B 280 1.19 3.02 -5.62
N PRO B 281 -0.12 2.75 -5.52
CA PRO B 281 -1.10 3.64 -6.16
C PRO B 281 -1.01 5.07 -5.63
N GLU B 282 -0.49 5.23 -4.41
CA GLU B 282 -0.36 6.55 -3.80
C GLU B 282 0.67 7.37 -4.56
N ILE B 283 1.69 6.69 -5.11
CA ILE B 283 2.72 7.37 -5.88
C ILE B 283 2.17 7.64 -7.28
N GLU B 284 1.42 6.67 -7.79
CA GLU B 284 0.78 6.78 -9.09
C GLU B 284 -0.15 8.01 -9.11
N ASN B 285 -0.84 8.25 -8.00
CA ASN B 285 -1.72 9.41 -7.90
C ASN B 285 -0.97 10.73 -7.78
N LEU B 286 0.13 10.72 -7.03
CA LEU B 286 0.92 11.93 -6.89
C LEU B 286 1.46 12.30 -8.26
N LEU B 287 1.86 11.28 -9.01
CA LEU B 287 2.42 11.48 -10.34
C LEU B 287 1.40 12.11 -11.27
N THR B 288 0.19 11.56 -11.28
CA THR B 288 -0.86 12.09 -12.14
C THR B 288 -1.23 13.52 -11.79
N GLN B 289 -1.30 13.82 -10.48
CA GLN B 289 -1.62 15.17 -10.04
C GLN B 289 -0.51 16.16 -10.37
N TRP B 290 0.72 15.70 -10.24
CA TRP B 290 1.88 16.54 -10.54
C TRP B 290 1.88 16.87 -12.03
N GLU B 291 1.61 15.87 -12.85
CA GLU B 291 1.57 16.08 -14.30
C GLU B 291 0.43 17.03 -14.63
N SER B 292 -0.69 16.86 -13.94
CA SER B 292 -1.85 17.72 -14.13
C SER B 292 -1.51 19.17 -13.75
N CYS B 293 -0.64 19.33 -12.76
CA CYS B 293 -0.23 20.65 -12.31
C CYS B 293 0.94 21.25 -13.10
N GLY B 294 1.17 20.73 -14.30
CA GLY B 294 2.23 21.27 -15.14
C GLY B 294 3.67 20.82 -14.89
N TYR B 295 3.84 19.70 -14.19
CA TYR B 295 5.18 19.18 -13.91
C TYR B 295 6.07 20.21 -13.20
N ARG B 296 5.45 21.08 -12.40
CA ARG B 296 6.20 22.12 -11.69
C ARG B 296 6.83 21.62 -10.40
N SER B 297 7.89 22.29 -9.95
CA SER B 297 8.58 21.91 -8.73
C SER B 297 7.78 22.33 -7.50
N PHE B 298 8.21 21.85 -6.33
CA PHE B 298 7.51 22.12 -5.08
C PHE B 298 7.27 23.60 -4.78
N GLU B 299 8.12 24.48 -5.27
CA GLU B 299 7.94 25.91 -4.98
C GLU B 299 6.62 26.48 -5.47
N TYR B 300 6.01 25.83 -6.45
CA TYR B 300 4.75 26.35 -7.02
C TYR B 300 3.50 25.55 -6.69
N LEU B 301 3.64 24.56 -5.82
CA LEU B 301 2.50 23.72 -5.48
C LEU B 301 2.02 23.83 -4.04
N MET B 302 0.76 23.44 -3.82
CA MET B 302 0.16 23.43 -2.50
C MET B 302 0.37 21.99 -2.03
N LEU B 303 1.03 21.81 -0.91
CA LEU B 303 1.29 20.47 -0.41
C LEU B 303 0.31 20.08 0.68
N HIS B 304 -0.19 18.85 0.61
CA HIS B 304 -1.12 18.32 1.61
C HIS B 304 -0.41 17.07 2.11
N VAL B 305 0.37 17.25 3.18
CA VAL B 305 1.14 16.16 3.77
C VAL B 305 0.26 15.38 4.72
N GLY B 306 -0.02 14.12 4.38
CA GLY B 306 -0.89 13.32 5.22
C GLY B 306 -0.27 12.56 6.36
N TYR B 307 -0.98 12.52 7.47
CA TYR B 307 -0.56 11.77 8.64
C TYR B 307 -1.68 10.76 8.87
N ASN B 308 -1.34 9.48 8.70
CA ASN B 308 -2.31 8.40 8.79
C ASN B 308 -3.24 8.54 7.59
N ALA B 309 -2.70 9.08 6.51
CA ALA B 309 -3.41 9.30 5.26
C ALA B 309 -2.35 9.54 4.19
N PHE B 310 -2.66 9.18 2.95
CA PHE B 310 -1.70 9.42 1.87
C PHE B 310 -1.71 10.92 1.55
N SER B 311 -0.63 11.42 0.97
CA SER B 311 -0.53 12.84 0.66
C SER B 311 -1.07 13.22 -0.72
N HIS B 312 -1.26 14.52 -0.94
CA HIS B 312 -1.78 15.04 -2.20
C HIS B 312 -1.13 16.35 -2.59
N ILE B 313 -1.24 16.67 -3.87
CA ILE B 313 -0.72 17.90 -4.45
C ILE B 313 -1.91 18.63 -5.06
N SER B 314 -1.93 19.95 -4.92
CA SER B 314 -2.99 20.75 -5.53
C SER B 314 -2.33 22.00 -6.09
N CYS B 315 -2.99 22.66 -7.02
CA CYS B 315 -2.44 23.86 -7.63
C CYS B 315 -3.56 24.75 -8.14
N SER B 316 -4.41 25.20 -7.21
CA SER B 316 -5.54 26.05 -7.55
C SER B 316 -5.10 27.51 -7.65
CD CD C . -4.84 13.83 -4.88
CL CL D . -5.02 16.01 -4.83
CL CL E . -2.32 14.22 -5.53
CD CD F . 16.65 16.97 -13.31
CL CL G . 14.25 17.30 -13.20
CL CL H . 18.30 16.27 -14.63
CD CD I . -27.81 -0.14 -8.79
CD CD J . -8.29 -36.79 -35.97
CD CD K . -1.60 40.66 19.81
N SAH L . -12.59 -33.93 -10.41
CA SAH L . -13.65 -34.62 -9.46
CB SAH L . -14.85 -33.69 -9.25
CG SAH L . -15.27 -34.18 -7.78
SD SAH L . -16.64 -33.24 -7.14
C SAH L . -13.86 -36.09 -10.16
O SAH L . -13.36 -36.36 -11.24
OXT SAH L . -14.70 -36.78 -9.56
C5' SAH L . -15.64 -31.97 -6.37
C4' SAH L . -15.09 -32.32 -4.86
O4' SAH L . -14.37 -31.18 -4.37
C3' SAH L . -15.96 -33.24 -3.84
O3' SAH L . -15.47 -34.42 -3.86
C2' SAH L . -15.65 -32.45 -2.62
O2' SAH L . -15.56 -33.01 -1.34
C1' SAH L . -14.32 -31.52 -3.05
N9 SAH L . -14.09 -30.42 -2.15
C8 SAH L . -14.82 -29.47 -1.54
N7 SAH L . -14.29 -28.61 -0.80
C5 SAH L . -13.14 -28.81 -1.01
C6 SAH L . -11.74 -28.05 -0.51
N6 SAH L . -11.67 -27.07 0.22
N1 SAH L . -10.50 -28.74 -1.07
C2 SAH L . -10.18 -29.86 -1.84
N3 SAH L . -11.45 -30.53 -2.23
C4 SAH L . -12.97 -30.01 -1.86
CD CD M . -23.48 -11.48 7.75
CL CL N . -23.77 -13.92 8.18
CL CL O . -22.16 -10.65 9.71
CD CD P . -7.38 8.72 -1.40
CL CL Q . -7.70 9.15 -3.37
CL CL R . -9.01 6.92 -1.16
CD CD S . -0.99 0.10 -9.11
CL CL T . -0.28 -1.22 -11.04
CL CL U . -3.29 0.33 -8.38
CD CD V . 23.06 10.04 6.56
N SAH W . 17.10 28.65 17.82
CA SAH W . 18.65 28.42 18.11
CB SAH W . 19.10 28.07 16.64
CG SAH W . 20.23 27.02 17.12
SD SAH W . 21.26 26.22 15.84
C SAH W . 19.15 29.69 18.69
O SAH W . 18.49 30.67 18.81
OXT SAH W . 20.39 29.69 18.88
C5' SAH W . 20.27 24.64 15.66
C4' SAH W . 20.60 23.71 16.71
O4' SAH W . 19.74 22.47 16.43
C3' SAH W . 22.15 23.38 17.17
O3' SAH W . 22.28 23.80 18.54
C2' SAH W . 21.99 21.89 17.22
O2' SAH W . 22.61 21.04 18.21
C1' SAH W . 20.48 21.49 17.26
N9 SAH W . 19.94 20.17 16.94
C8 SAH W . 20.47 19.32 15.93
N7 SAH W . 19.84 18.15 15.74
C5 SAH W . 18.89 18.27 16.55
C6 SAH W . 17.72 17.40 17.04
N6 SAH W . 17.49 16.18 16.48
N1 SAH W . 16.76 17.98 18.10
C2 SAH W . 16.79 19.19 18.74
N3 SAH W . 17.94 19.98 18.35
C4 SAH W . 18.98 19.64 17.35
#